data_6IYQ
# 
_entry.id   6IYQ 
# 
_audit_conform.dict_name       mmcif_pdbx.dic 
_audit_conform.dict_version    5.387 
_audit_conform.dict_location   http://mmcif.pdb.org/dictionaries/ascii/mmcif_pdbx.dic 
# 
loop_
_database_2.database_id 
_database_2.database_code 
_database_2.pdbx_database_accession 
_database_2.pdbx_DOI 
PDB   6IYQ         pdb_00006iyq 10.2210/pdb6iyq/pdb 
WWPDB D_1300010180 ?            ?                   
# 
loop_
_pdbx_audit_revision_history.ordinal 
_pdbx_audit_revision_history.data_content_type 
_pdbx_audit_revision_history.major_revision 
_pdbx_audit_revision_history.minor_revision 
_pdbx_audit_revision_history.revision_date 
1 'Structure model' 1 0 2019-10-30 
2 'Structure model' 1 1 2024-03-27 
# 
_pdbx_audit_revision_details.ordinal             1 
_pdbx_audit_revision_details.revision_ordinal    1 
_pdbx_audit_revision_details.data_content_type   'Structure model' 
_pdbx_audit_revision_details.provider            repository 
_pdbx_audit_revision_details.type                'Initial release' 
_pdbx_audit_revision_details.description         ? 
_pdbx_audit_revision_details.details             ? 
# 
loop_
_pdbx_audit_revision_group.ordinal 
_pdbx_audit_revision_group.revision_ordinal 
_pdbx_audit_revision_group.data_content_type 
_pdbx_audit_revision_group.group 
1 2 'Structure model' 'Data collection'     
2 2 'Structure model' 'Database references' 
# 
loop_
_pdbx_audit_revision_category.ordinal 
_pdbx_audit_revision_category.revision_ordinal 
_pdbx_audit_revision_category.data_content_type 
_pdbx_audit_revision_category.category 
1 2 'Structure model' chem_comp_atom 
2 2 'Structure model' chem_comp_bond 
3 2 'Structure model' database_2     
# 
loop_
_pdbx_audit_revision_item.ordinal 
_pdbx_audit_revision_item.revision_ordinal 
_pdbx_audit_revision_item.data_content_type 
_pdbx_audit_revision_item.item 
1 2 'Structure model' '_database_2.pdbx_DOI'                
2 2 'Structure model' '_database_2.pdbx_database_accession' 
# 
_pdbx_database_status.status_code                     REL 
_pdbx_database_status.status_code_sf                  REL 
_pdbx_database_status.status_code_mr                  ? 
_pdbx_database_status.entry_id                        6IYQ 
_pdbx_database_status.recvd_initial_deposition_date   2018-12-17 
_pdbx_database_status.SG_entry                        N 
_pdbx_database_status.deposit_site                    PDBJ 
_pdbx_database_status.process_site                    PDBJ 
_pdbx_database_status.status_code_cs                  ? 
_pdbx_database_status.methods_development_category    ? 
_pdbx_database_status.pdb_format_compatible           Y 
_pdbx_database_status.status_code_nmr_data            ? 
# 
loop_
_audit_author.name 
_audit_author.pdbx_ordinal 
_audit_author.identifier_ORCID 
'Kondo, J.'  1 0000-0002-5682-3685 
'Ono, A.'    2 ?                   
'Atsugi, T.' 3 ?                   
# 
_citation.abstract                  ? 
_citation.abstract_id_CAS           ? 
_citation.book_id_ISBN              ? 
_citation.book_publisher            ? 
_citation.book_publisher_city       ? 
_citation.book_title                ? 
_citation.coordinate_linkage        ? 
_citation.country                   UK 
_citation.database_id_Medline       ? 
_citation.details                   ? 
_citation.id                        primary 
_citation.journal_abbrev            'Rsc Adv' 
_citation.journal_id_ASTM           ? 
_citation.journal_id_CSD            ? 
_citation.journal_id_ISSN           2046-2069 
_citation.journal_full              ? 
_citation.journal_issue             ? 
_citation.journal_volume            ? 
_citation.language                  ? 
_citation.page_first                ? 
_citation.page_last                 ? 
_citation.title                     
;Crystal structure of a DNA duplex cross-linked by 6-thioguanine-6-thioguanine disulfides: reversible formation and cleavage catalyzed by Cu(II) ion and glutathione
;
_citation.year                      2019 
_citation.database_id_CSD           ? 
_citation.pdbx_database_id_DOI      ? 
_citation.pdbx_database_id_PubMed   ? 
_citation.unpublished_flag          ? 
# 
loop_
_citation_author.citation_id 
_citation_author.name 
_citation_author.ordinal 
_citation_author.identifier_ORCID 
primary 'Ono, A.'       1 ? 
primary 'Atsugi, T.'    2 ? 
primary 'Goto, M.'      3 ? 
primary 'Saneyoshi, H.' 4 ? 
primary 'Tomori, T.'    5 ? 
primary 'Seio, K.'      6 ? 
primary 'Dairaku, T.'   7 ? 
primary 'Kondo, J.'     8 ? 
# 
loop_
_entity.id 
_entity.type 
_entity.src_method 
_entity.pdbx_description 
_entity.formula_weight 
_entity.pdbx_number_of_molecules 
_entity.pdbx_ec 
_entity.pdbx_mutation 
_entity.pdbx_fragment 
_entity.details 
1 polymer syn 
;DNA (5'-D(*CP*GP*CP*GP*AP*(S6G)P*(S6G)P*(BRU)P*CP*GP*CP*G)-3')
;
3801.406 2 ? ? ? ? 
2 water   nat water                                                            18.015   2 ? ? ? ? 
# 
_entity_poly.entity_id                      1 
_entity_poly.type                           polydeoxyribonucleotide 
_entity_poly.nstd_linkage                   no 
_entity_poly.nstd_monomer                   yes 
_entity_poly.pdbx_seq_one_letter_code       '(DC)(DG)(DC)(DG)(DA)(S6G)(S6G)(BRU)(DC)(DG)(DC)(DG)' 
_entity_poly.pdbx_seq_one_letter_code_can   CGCGAGGUCGCG 
_entity_poly.pdbx_strand_id                 A,B 
_entity_poly.pdbx_target_identifier         ? 
# 
_pdbx_entity_nonpoly.entity_id   2 
_pdbx_entity_nonpoly.name        water 
_pdbx_entity_nonpoly.comp_id     HOH 
# 
loop_
_entity_poly_seq.entity_id 
_entity_poly_seq.num 
_entity_poly_seq.mon_id 
_entity_poly_seq.hetero 
1 1  DC  n 
1 2  DG  n 
1 3  DC  n 
1 4  DG  n 
1 5  DA  n 
1 6  S6G n 
1 7  S6G n 
1 8  BRU n 
1 9  DC  n 
1 10 DG  n 
1 11 DC  n 
1 12 DG  n 
# 
_pdbx_entity_src_syn.entity_id              1 
_pdbx_entity_src_syn.pdbx_src_id            1 
_pdbx_entity_src_syn.pdbx_alt_source_flag   sample 
_pdbx_entity_src_syn.pdbx_beg_seq_num       1 
_pdbx_entity_src_syn.pdbx_end_seq_num       12 
_pdbx_entity_src_syn.organism_scientific    'synthetic construct' 
_pdbx_entity_src_syn.organism_common_name   ? 
_pdbx_entity_src_syn.ncbi_taxonomy_id       32630 
_pdbx_entity_src_syn.details                ? 
# 
loop_
_chem_comp.id 
_chem_comp.type 
_chem_comp.mon_nstd_flag 
_chem_comp.name 
_chem_comp.pdbx_synonyms 
_chem_comp.formula 
_chem_comp.formula_weight 
BRU 'DNA linking' n "5-BROMO-2'-DEOXYURIDINE-5'-MONOPHOSPHATE"  ? 'C9 H12 Br N2 O8 P' 387.078 
DA  'DNA linking' y "2'-DEOXYADENOSINE-5'-MONOPHOSPHATE"        ? 'C10 H14 N5 O6 P'   331.222 
DC  'DNA linking' y "2'-DEOXYCYTIDINE-5'-MONOPHOSPHATE"         ? 'C9 H14 N3 O7 P'    307.197 
DG  'DNA linking' y "2'-DEOXYGUANOSINE-5'-MONOPHOSPHATE"        ? 'C10 H14 N5 O7 P'   347.221 
HOH non-polymer   . WATER                                       ? 'H2 O'              18.015  
S6G 'DNA linking' n "6-THIO-2'-DEOXYGUANOSINE-5'-MONOPHOSPHATE" ? 'C10 H14 N5 O6 P S' 363.287 
# 
loop_
_pdbx_poly_seq_scheme.asym_id 
_pdbx_poly_seq_scheme.entity_id 
_pdbx_poly_seq_scheme.seq_id 
_pdbx_poly_seq_scheme.mon_id 
_pdbx_poly_seq_scheme.ndb_seq_num 
_pdbx_poly_seq_scheme.pdb_seq_num 
_pdbx_poly_seq_scheme.auth_seq_num 
_pdbx_poly_seq_scheme.pdb_mon_id 
_pdbx_poly_seq_scheme.auth_mon_id 
_pdbx_poly_seq_scheme.pdb_strand_id 
_pdbx_poly_seq_scheme.pdb_ins_code 
_pdbx_poly_seq_scheme.hetero 
A 1 1  DC  1  1  1  DC  DC  A . n 
A 1 2  DG  2  2  2  DG  DG  A . n 
A 1 3  DC  3  3  3  DC  DC  A . n 
A 1 4  DG  4  4  4  DG  DG  A . n 
A 1 5  DA  5  5  5  DA  DA  A . n 
A 1 6  S6G 6  6  6  S6G S6G A . n 
A 1 7  S6G 7  7  7  S6G S6G A . n 
A 1 8  BRU 8  8  8  BRU BRU A . n 
A 1 9  DC  9  9  9  DC  DC  A . n 
A 1 10 DG  10 10 10 DG  DG  A . n 
A 1 11 DC  11 11 11 DC  DC  A . n 
A 1 12 DG  12 12 12 DG  DG  A . n 
B 1 1  DC  1  1  1  DC  DC  B . n 
B 1 2  DG  2  2  2  DG  DG  B . n 
B 1 3  DC  3  3  3  DC  DC  B . n 
B 1 4  DG  4  4  4  DG  DG  B . n 
B 1 5  DA  5  5  5  DA  DA  B . n 
B 1 6  S6G 6  6  6  S6G S6G B . n 
B 1 7  S6G 7  7  7  S6G S6G B . n 
B 1 8  BRU 8  8  8  BRU BRU B . n 
B 1 9  DC  9  9  9  DC  DC  B . n 
B 1 10 DG  10 10 10 DG  DG  B . n 
B 1 11 DC  11 11 11 DC  DC  B . n 
B 1 12 DG  12 12 12 DG  DG  B . n 
# 
loop_
_pdbx_nonpoly_scheme.asym_id 
_pdbx_nonpoly_scheme.entity_id 
_pdbx_nonpoly_scheme.mon_id 
_pdbx_nonpoly_scheme.ndb_seq_num 
_pdbx_nonpoly_scheme.pdb_seq_num 
_pdbx_nonpoly_scheme.auth_seq_num 
_pdbx_nonpoly_scheme.pdb_mon_id 
_pdbx_nonpoly_scheme.auth_mon_id 
_pdbx_nonpoly_scheme.pdb_strand_id 
_pdbx_nonpoly_scheme.pdb_ins_code 
C 2 HOH 1 101 2 HOH HOH A . 
D 2 HOH 1 101 1 HOH HOH B . 
# 
loop_
_software.citation_id 
_software.classification 
_software.compiler_name 
_software.compiler_version 
_software.contact_author 
_software.contact_author_email 
_software.date 
_software.description 
_software.dependencies 
_software.hardware 
_software.language 
_software.location 
_software.mods 
_software.name 
_software.os 
_software.os_version 
_software.type 
_software.version 
_software.pdbx_ordinal 
? 'data scaling'    ? ? ? ? ? ? ? ? ? ? ? XSCALE      ? ? ? .           1 
? phasing           ? ? ? ? ? ? ? ? ? ? ? SOLVE       ? ? ? .           2 
? refinement        ? ? ? ? ? ? ? ? ? ? ? PHENIX      ? ? ? 1.10.1_2155 3 
? 'data extraction' ? ? ? ? ? ? ? ? ? ? ? PDB_EXTRACT ? ? ? 3.24        4 
? 'data reduction'  ? ? ? ? ? ? ? ? ? ? ? XDS         ? ? ? .           5 
# 
_cell.angle_alpha                  90.000 
_cell.angle_alpha_esd              ? 
_cell.angle_beta                   90.000 
_cell.angle_beta_esd               ? 
_cell.angle_gamma                  90.000 
_cell.angle_gamma_esd              ? 
_cell.entry_id                     6IYQ 
_cell.details                      ? 
_cell.formula_units_Z              ? 
_cell.length_a                     45.254 
_cell.length_a_esd                 ? 
_cell.length_b                     46.522 
_cell.length_b_esd                 ? 
_cell.length_c                     76.084 
_cell.length_c_esd                 ? 
_cell.volume                       ? 
_cell.volume_esd                   ? 
_cell.Z_PDB                        16 
_cell.reciprocal_angle_alpha       ? 
_cell.reciprocal_angle_beta        ? 
_cell.reciprocal_angle_gamma       ? 
_cell.reciprocal_angle_alpha_esd   ? 
_cell.reciprocal_angle_beta_esd    ? 
_cell.reciprocal_angle_gamma_esd   ? 
_cell.reciprocal_length_a          ? 
_cell.reciprocal_length_b          ? 
_cell.reciprocal_length_c          ? 
_cell.reciprocal_length_a_esd      ? 
_cell.reciprocal_length_b_esd      ? 
_cell.reciprocal_length_c_esd      ? 
_cell.pdbx_unique_axis             ? 
# 
_symmetry.entry_id                         6IYQ 
_symmetry.cell_setting                     ? 
_symmetry.Int_Tables_number                23 
_symmetry.space_group_name_Hall            ? 
_symmetry.space_group_name_H-M             'I 2 2 2' 
_symmetry.pdbx_full_space_group_name_H-M   ? 
# 
_exptl.absorpt_coefficient_mu     ? 
_exptl.absorpt_correction_T_max   ? 
_exptl.absorpt_correction_T_min   ? 
_exptl.absorpt_correction_type    ? 
_exptl.absorpt_process_details    ? 
_exptl.entry_id                   6IYQ 
_exptl.crystals_number            1 
_exptl.details                    ? 
_exptl.method                     'X-RAY DIFFRACTION' 
_exptl.method_details             ? 
# 
_exptl_crystal.colour                      ? 
_exptl_crystal.density_diffrn              ? 
_exptl_crystal.density_Matthews            2.63 
_exptl_crystal.density_method              ? 
_exptl_crystal.density_percent_sol         53.30 
_exptl_crystal.description                 ? 
_exptl_crystal.F_000                       ? 
_exptl_crystal.id                          1 
_exptl_crystal.preparation                 ? 
_exptl_crystal.size_max                    ? 
_exptl_crystal.size_mid                    ? 
_exptl_crystal.size_min                    ? 
_exptl_crystal.size_rad                    ? 
_exptl_crystal.colour_lustre               ? 
_exptl_crystal.colour_modifier             ? 
_exptl_crystal.colour_primary              ? 
_exptl_crystal.density_meas                ? 
_exptl_crystal.density_meas_esd            ? 
_exptl_crystal.density_meas_gt             ? 
_exptl_crystal.density_meas_lt             ? 
_exptl_crystal.density_meas_temp           ? 
_exptl_crystal.density_meas_temp_esd       ? 
_exptl_crystal.density_meas_temp_gt        ? 
_exptl_crystal.density_meas_temp_lt        ? 
_exptl_crystal.pdbx_crystal_image_url      ? 
_exptl_crystal.pdbx_crystal_image_format   ? 
_exptl_crystal.pdbx_mosaicity              ? 
_exptl_crystal.pdbx_mosaicity_esd          ? 
# 
_exptl_crystal_grow.apparatus       ? 
_exptl_crystal_grow.atmosphere      ? 
_exptl_crystal_grow.crystal_id      1 
_exptl_crystal_grow.details         ? 
_exptl_crystal_grow.method          'VAPOR DIFFUSION, HANGING DROP' 
_exptl_crystal_grow.method_ref      ? 
_exptl_crystal_grow.pH              ? 
_exptl_crystal_grow.pressure        ? 
_exptl_crystal_grow.pressure_esd    ? 
_exptl_crystal_grow.seeding         ? 
_exptl_crystal_grow.seeding_ref     ? 
_exptl_crystal_grow.temp            293 
_exptl_crystal_grow.temp_details    ? 
_exptl_crystal_grow.temp_esd        ? 
_exptl_crystal_grow.time            ? 
_exptl_crystal_grow.pdbx_details    'MOPS (pH 7), spermine, ammonium nitrate, 2-methyl-2,4-pentanediol' 
_exptl_crystal_grow.pdbx_pH_range   ? 
# 
_diffrn.ambient_environment              ? 
_diffrn.ambient_temp                     100 
_diffrn.ambient_temp_details             ? 
_diffrn.ambient_temp_esd                 ? 
_diffrn.crystal_id                       1 
_diffrn.crystal_support                  ? 
_diffrn.crystal_treatment                ? 
_diffrn.details                          ? 
_diffrn.id                               1 
_diffrn.ambient_pressure                 ? 
_diffrn.ambient_pressure_esd             ? 
_diffrn.ambient_pressure_gt              ? 
_diffrn.ambient_pressure_lt              ? 
_diffrn.ambient_temp_gt                  ? 
_diffrn.ambient_temp_lt                  ? 
_diffrn.pdbx_serial_crystal_experiment   N 
# 
_diffrn_detector.details                      ? 
_diffrn_detector.detector                     PIXEL 
_diffrn_detector.diffrn_id                    1 
_diffrn_detector.type                         'DECTRIS EIGER X 16M' 
_diffrn_detector.area_resol_mean              ? 
_diffrn_detector.dtime                        ? 
_diffrn_detector.pdbx_frames_total            ? 
_diffrn_detector.pdbx_collection_time_total   ? 
_diffrn_detector.pdbx_collection_date         2017-11-18 
_diffrn_detector.pdbx_frequency               ? 
# 
_diffrn_radiation.collimation                      ? 
_diffrn_radiation.diffrn_id                        1 
_diffrn_radiation.filter_edge                      ? 
_diffrn_radiation.inhomogeneity                    ? 
_diffrn_radiation.monochromator                    ? 
_diffrn_radiation.polarisn_norm                    ? 
_diffrn_radiation.polarisn_ratio                   ? 
_diffrn_radiation.probe                            ? 
_diffrn_radiation.type                             ? 
_diffrn_radiation.xray_symbol                      ? 
_diffrn_radiation.wavelength_id                    1 
_diffrn_radiation.pdbx_monochromatic_or_laue_m_l   M 
_diffrn_radiation.pdbx_wavelength_list             ? 
_diffrn_radiation.pdbx_wavelength                  ? 
_diffrn_radiation.pdbx_diffrn_protocol             'SINGLE WAVELENGTH' 
_diffrn_radiation.pdbx_analyzer                    ? 
_diffrn_radiation.pdbx_scattering_type             x-ray 
# 
_diffrn_radiation_wavelength.id           1 
_diffrn_radiation_wavelength.wavelength   0.91942 
_diffrn_radiation_wavelength.wt           1.0 
# 
_diffrn_source.current                     ? 
_diffrn_source.details                     ? 
_diffrn_source.diffrn_id                   1 
_diffrn_source.power                       ? 
_diffrn_source.size                        ? 
_diffrn_source.source                      SYNCHROTRON 
_diffrn_source.target                      ? 
_diffrn_source.type                        'PHOTON FACTORY BEAMLINE BL-17A' 
_diffrn_source.voltage                     ? 
_diffrn_source.take-off_angle              ? 
_diffrn_source.pdbx_wavelength_list        0.91942 
_diffrn_source.pdbx_wavelength             ? 
_diffrn_source.pdbx_synchrotron_beamline   BL-17A 
_diffrn_source.pdbx_synchrotron_site       'Photon Factory' 
# 
_reflns.B_iso_Wilson_estimate            47.990 
_reflns.entry_id                         6IYQ 
_reflns.data_reduction_details           ? 
_reflns.data_reduction_method            ? 
_reflns.d_resolution_high                2.0070 
_reflns.d_resolution_low                 39.690 
_reflns.details                          ? 
_reflns.limit_h_max                      ? 
_reflns.limit_h_min                      ? 
_reflns.limit_k_max                      ? 
_reflns.limit_k_min                      ? 
_reflns.limit_l_max                      ? 
_reflns.limit_l_min                      ? 
_reflns.number_all                       ? 
_reflns.number_obs                       5619 
_reflns.observed_criterion               ? 
_reflns.observed_criterion_F_max         ? 
_reflns.observed_criterion_F_min         ? 
_reflns.observed_criterion_I_max         ? 
_reflns.observed_criterion_I_min         ? 
_reflns.observed_criterion_sigma_F       ? 
_reflns.observed_criterion_sigma_I       ? 
_reflns.percent_possible_obs             99.800 
_reflns.R_free_details                   ? 
_reflns.Rmerge_F_all                     ? 
_reflns.Rmerge_F_obs                     ? 
_reflns.Friedel_coverage                 ? 
_reflns.number_gt                        ? 
_reflns.threshold_expression             ? 
_reflns.pdbx_redundancy                  6.226 
_reflns.pdbx_Rmerge_I_obs                0.044 
_reflns.pdbx_Rmerge_I_all                ? 
_reflns.pdbx_Rsym_value                  ? 
_reflns.pdbx_netI_over_av_sigmaI         ? 
_reflns.pdbx_netI_over_sigmaI            19.230 
_reflns.pdbx_res_netI_over_av_sigmaI_2   ? 
_reflns.pdbx_res_netI_over_sigmaI_2      ? 
_reflns.pdbx_chi_squared                 1.119 
_reflns.pdbx_scaling_rejects             ? 
_reflns.pdbx_d_res_high_opt              ? 
_reflns.pdbx_d_res_low_opt               ? 
_reflns.pdbx_d_res_opt_method            ? 
_reflns.phase_calculation_details        ? 
_reflns.pdbx_Rrim_I_all                  0.048 
_reflns.pdbx_Rpim_I_all                  ? 
_reflns.pdbx_d_opt                       ? 
_reflns.pdbx_number_measured_all         ? 
_reflns.pdbx_diffrn_id                   1 
_reflns.pdbx_ordinal                     1 
_reflns.pdbx_CC_half                     0.999 
_reflns.pdbx_R_split                     ? 
# 
loop_
_reflns_shell.d_res_high 
_reflns_shell.d_res_low 
_reflns_shell.meanI_over_sigI_all 
_reflns_shell.meanI_over_sigI_obs 
_reflns_shell.number_measured_all 
_reflns_shell.number_measured_obs 
_reflns_shell.number_possible 
_reflns_shell.number_unique_all 
_reflns_shell.number_unique_obs 
_reflns_shell.percent_possible_all 
_reflns_shell.percent_possible_obs 
_reflns_shell.Rmerge_F_all 
_reflns_shell.Rmerge_F_obs 
_reflns_shell.Rmerge_I_all 
_reflns_shell.Rmerge_I_obs 
_reflns_shell.meanI_over_sigI_gt 
_reflns_shell.meanI_over_uI_all 
_reflns_shell.meanI_over_uI_gt 
_reflns_shell.number_measured_gt 
_reflns_shell.number_unique_gt 
_reflns_shell.percent_possible_gt 
_reflns_shell.Rmerge_F_gt 
_reflns_shell.Rmerge_I_gt 
_reflns_shell.pdbx_redundancy 
_reflns_shell.pdbx_Rsym_value 
_reflns_shell.pdbx_chi_squared 
_reflns_shell.pdbx_netI_over_sigmaI_all 
_reflns_shell.pdbx_netI_over_sigmaI_obs 
_reflns_shell.pdbx_Rrim_I_all 
_reflns_shell.pdbx_Rpim_I_all 
_reflns_shell.pdbx_rejects 
_reflns_shell.pdbx_ordinal 
_reflns_shell.pdbx_diffrn_id 
_reflns_shell.pdbx_CC_half 
_reflns_shell.pdbx_R_split 
2.010 2.060  ? 5.240  ? ? ? ? 400 98.800  ? ? ? ? 0.287 ? ? ? ? ? ? ? ? 6.650 ? ? ? ? 0.312 ? ? 1  1 0.978 ? 
2.060 2.120  ? 6.090  ? ? ? ? 395 99.700  ? ? ? ? 0.228 ? ? ? ? ? ? ? ? 6.635 ? ? ? ? 0.248 ? ? 2  1 0.986 ? 
2.120 2.180  ? 7.990  ? ? ? ? 390 100.000 ? ? ? ? 0.177 ? ? ? ? ? ? ? ? 6.628 ? ? ? ? 0.193 ? ? 3  1 0.992 ? 
2.180 2.240  ? 8.440  ? ? ? ? 367 100.000 ? ? ? ? 0.179 ? ? ? ? ? ? ? ? 6.540 ? ? ? ? 0.195 ? ? 4  1 0.992 ? 
2.240 2.320  ? 10.750 ? ? ? ? 365 100.000 ? ? ? ? 0.133 ? ? ? ? ? ? ? ? 6.208 ? ? ? ? 0.146 ? ? 5  1 0.994 ? 
2.320 2.400  ? 14.030 ? ? ? ? 358 100.000 ? ? ? ? 0.104 ? ? ? ? ? ? ? ? 6.310 ? ? ? ? 0.113 ? ? 6  1 0.996 ? 
2.400 2.490  ? 15.400 ? ? ? ? 343 100.000 ? ? ? ? 0.094 ? ? ? ? ? ? ? ? 6.207 ? ? ? ? 0.103 ? ? 7  1 0.995 ? 
2.490 2.590  ? 18.680 ? ? ? ? 326 100.000 ? ? ? ? 0.087 ? ? ? ? ? ? ? ? 6.733 ? ? ? ? 0.094 ? ? 8  1 0.996 ? 
2.590 2.710  ? 20.200 ? ? ? ? 319 100.000 ? ? ? ? 0.075 ? ? ? ? ? ? ? ? 6.661 ? ? ? ? 0.082 ? ? 9  1 0.997 ? 
2.710 2.840  ? 23.050 ? ? ? ? 301 100.000 ? ? ? ? 0.068 ? ? ? ? ? ? ? ? 6.346 ? ? ? ? 0.075 ? ? 10 1 0.998 ? 
2.840 2.990  ? 26.450 ? ? ? ? 288 100.000 ? ? ? ? 0.051 ? ? ? ? ? ? ? ? 6.191 ? ? ? ? 0.056 ? ? 11 1 0.998 ? 
2.990 3.170  ? 29.000 ? ? ? ? 279 100.000 ? ? ? ? 0.040 ? ? ? ? ? ? ? ? 6.043 ? ? ? ? 0.045 ? ? 12 1 0.999 ? 
3.170 3.390  ? 29.900 ? ? ? ? 261 99.600  ? ? ? ? 0.035 ? ? ? ? ? ? ? ? 5.510 ? ? ? ? 0.039 ? ? 13 1 1.000 ? 
3.390 3.660  ? 31.780 ? ? ? ? 238 100.000 ? ? ? ? 0.039 ? ? ? ? ? ? ? ? 5.618 ? ? ? ? 0.043 ? ? 14 1 0.999 ? 
3.660 4.010  ? 33.420 ? ? ? ? 228 99.600  ? ? ? ? 0.040 ? ? ? ? ? ? ? ? 6.105 ? ? ? ? 0.044 ? ? 15 1 0.999 ? 
4.010 4.490  ? 34.080 ? ? ? ? 210 100.000 ? ? ? ? 0.039 ? ? ? ? ? ? ? ? 6.052 ? ? ? ? 0.043 ? ? 16 1 0.999 ? 
4.490 5.180  ? 33.560 ? ? ? ? 186 100.000 ? ? ? ? 0.044 ? ? ? ? ? ? ? ? 5.753 ? ? ? ? 0.048 ? ? 17 1 0.999 ? 
5.180 6.350  ? 31.890 ? ? ? ? 161 100.000 ? ? ? ? 0.043 ? ? ? ? ? ? ? ? 5.137 ? ? ? ? 0.047 ? ? 18 1 0.997 ? 
6.350 8.980  ? 31.360 ? ? ? ? 127 100.000 ? ? ? ? 0.044 ? ? ? ? ? ? ? ? 5.039 ? ? ? ? 0.048 ? ? 19 1 0.998 ? 
8.980 39.690 ? 31.960 ? ? ? ? 77  95.100  ? ? ? ? 0.035 ? ? ? ? ? ? ? ? 5.091 ? ? ? ? 0.039 ? ? 20 1 0.998 ? 
# 
_refine.aniso_B[1][1]                            ? 
_refine.aniso_B[1][2]                            ? 
_refine.aniso_B[1][3]                            ? 
_refine.aniso_B[2][2]                            ? 
_refine.aniso_B[2][3]                            ? 
_refine.aniso_B[3][3]                            ? 
_refine.B_iso_max                                71.810 
_refine.B_iso_mean                               46.4802 
_refine.B_iso_min                                31.220 
_refine.correlation_coeff_Fo_to_Fc               ? 
_refine.correlation_coeff_Fo_to_Fc_free          ? 
_refine.details                                  ? 
_refine.diff_density_max                         ? 
_refine.diff_density_max_esd                     ? 
_refine.diff_density_min                         ? 
_refine.diff_density_min_esd                     ? 
_refine.diff_density_rms                         ? 
_refine.diff_density_rms_esd                     ? 
_refine.entry_id                                 6IYQ 
_refine.pdbx_refine_id                           'X-RAY DIFFRACTION' 
_refine.ls_abs_structure_details                 ? 
_refine.ls_abs_structure_Flack                   ? 
_refine.ls_abs_structure_Flack_esd               ? 
_refine.ls_abs_structure_Rogers                  ? 
_refine.ls_abs_structure_Rogers_esd              ? 
_refine.ls_d_res_high                            2.01 
_refine.ls_d_res_low                             39.6900 
_refine.ls_extinction_coef                       ? 
_refine.ls_extinction_coef_esd                   ? 
_refine.ls_extinction_expression                 ? 
_refine.ls_extinction_method                     ? 
_refine.ls_goodness_of_fit_all                   ? 
_refine.ls_goodness_of_fit_all_esd               ? 
_refine.ls_goodness_of_fit_obs                   ? 
_refine.ls_goodness_of_fit_obs_esd               ? 
_refine.ls_hydrogen_treatment                    ? 
_refine.ls_matrix_type                           ? 
_refine.ls_number_constraints                    ? 
_refine.ls_number_parameters                     ? 
_refine.ls_number_reflns_all                     ? 
_refine.ls_number_reflns_obs                     5598 
_refine.ls_number_reflns_R_free                  557 
_refine.ls_number_reflns_R_work                  ? 
_refine.ls_number_restraints                     ? 
_refine.ls_percent_reflns_obs                    99.4100 
_refine.ls_percent_reflns_R_free                 9.9500 
_refine.ls_R_factor_all                          ? 
_refine.ls_R_factor_obs                          0.2506 
_refine.ls_R_factor_R_free                       0.2819 
_refine.ls_R_factor_R_free_error                 ? 
_refine.ls_R_factor_R_free_error_details         ? 
_refine.ls_R_factor_R_work                       0.2469 
_refine.ls_R_Fsqd_factor_obs                     ? 
_refine.ls_R_I_factor_obs                        ? 
_refine.ls_redundancy_reflns_all                 ? 
_refine.ls_redundancy_reflns_obs                 ? 
_refine.ls_restrained_S_all                      ? 
_refine.ls_restrained_S_obs                      ? 
_refine.ls_shift_over_esd_max                    ? 
_refine.ls_shift_over_esd_mean                   ? 
_refine.ls_structure_factor_coef                 ? 
_refine.ls_weighting_details                     ? 
_refine.ls_weighting_scheme                      ? 
_refine.ls_wR_factor_all                         ? 
_refine.ls_wR_factor_obs                         ? 
_refine.ls_wR_factor_R_free                      ? 
_refine.ls_wR_factor_R_work                      ? 
_refine.occupancy_max                            ? 
_refine.occupancy_min                            ? 
_refine.solvent_model_details                    ? 
_refine.solvent_model_param_bsol                 ? 
_refine.solvent_model_param_ksol                 ? 
_refine.ls_R_factor_gt                           ? 
_refine.ls_goodness_of_fit_gt                    ? 
_refine.ls_goodness_of_fit_ref                   ? 
_refine.ls_shift_over_su_max                     ? 
_refine.ls_shift_over_su_max_lt                  ? 
_refine.ls_shift_over_su_mean                    ? 
_refine.ls_shift_over_su_mean_lt                 ? 
_refine.pdbx_ls_sigma_I                          ? 
_refine.pdbx_ls_sigma_F                          1.420 
_refine.pdbx_ls_sigma_Fsqd                       ? 
_refine.pdbx_data_cutoff_high_absF               ? 
_refine.pdbx_data_cutoff_high_rms_absF           ? 
_refine.pdbx_data_cutoff_low_absF                ? 
_refine.pdbx_isotropic_thermal_model             ? 
_refine.pdbx_ls_cross_valid_method               THROUGHOUT 
_refine.pdbx_method_to_determine_struct          MAD 
_refine.pdbx_starting_model                      ? 
_refine.pdbx_stereochemistry_target_values       ? 
_refine.pdbx_R_Free_selection_details            ? 
_refine.pdbx_stereochem_target_val_spec_case     ? 
_refine.pdbx_overall_ESU_R                       ? 
_refine.pdbx_overall_ESU_R_Free                  ? 
_refine.pdbx_solvent_vdw_probe_radii             1.1100 
_refine.pdbx_solvent_ion_probe_radii             ? 
_refine.pdbx_solvent_shrinkage_radii             0.9000 
_refine.pdbx_real_space_R                        ? 
_refine.pdbx_density_correlation                 ? 
_refine.pdbx_pd_number_of_powder_patterns        ? 
_refine.pdbx_pd_number_of_points                 ? 
_refine.pdbx_pd_meas_number_of_points            ? 
_refine.pdbx_pd_proc_ls_prof_R_factor            ? 
_refine.pdbx_pd_proc_ls_prof_wR_factor           ? 
_refine.pdbx_pd_Marquardt_correlation_coeff      ? 
_refine.pdbx_pd_Fsqrd_R_factor                   ? 
_refine.pdbx_pd_ls_matrix_band_width             ? 
_refine.pdbx_overall_phase_error                 39.9600 
_refine.pdbx_overall_SU_R_free_Cruickshank_DPI   ? 
_refine.pdbx_overall_SU_R_free_Blow_DPI          ? 
_refine.pdbx_overall_SU_R_Blow_DPI               ? 
_refine.pdbx_TLS_residual_ADP_flag               ? 
_refine.pdbx_diffrn_id                           1 
_refine.overall_SU_B                             ? 
_refine.overall_SU_ML                            0.3300 
_refine.overall_SU_R_Cruickshank_DPI             ? 
_refine.overall_SU_R_free                        ? 
_refine.overall_FOM_free_R_set                   ? 
_refine.overall_FOM_work_R_set                   ? 
_refine.pdbx_average_fsc_overall                 ? 
_refine.pdbx_average_fsc_work                    ? 
_refine.pdbx_average_fsc_free                    ? 
# 
_refine_hist.cycle_id                         final 
_refine_hist.pdbx_refine_id                   'X-RAY DIFFRACTION' 
_refine_hist.d_res_high                       2.01 
_refine_hist.d_res_low                        39.6900 
_refine_hist.pdbx_number_atoms_ligand         0 
_refine_hist.number_atoms_solvent             2 
_refine_hist.number_atoms_total               494 
_refine_hist.pdbx_number_residues_total       24 
_refine_hist.pdbx_B_iso_mean_solvent          44.67 
_refine_hist.pdbx_number_atoms_protein        0 
_refine_hist.pdbx_number_atoms_nucleic_acid   492 
# 
loop_
_refine_ls_restr.pdbx_refine_id 
_refine_ls_restr.criterion 
_refine_ls_restr.dev_ideal 
_refine_ls_restr.dev_ideal_target 
_refine_ls_restr.number 
_refine_ls_restr.rejects 
_refine_ls_restr.type 
_refine_ls_restr.weight 
_refine_ls_restr.pdbx_restraint_function 
'X-RAY DIFFRACTION' ? 0.013  ? 554 ? f_bond_d           ? ? 
'X-RAY DIFFRACTION' ? 1.387  ? 850 ? f_angle_d          ? ? 
'X-RAY DIFFRACTION' ? 0.054  ? 88  ? f_chiral_restr     ? ? 
'X-RAY DIFFRACTION' ? 0.010  ? 24  ? f_plane_restr      ? ? 
'X-RAY DIFFRACTION' ? 36.422 ? 196 ? f_dihedral_angle_d ? ? 
# 
loop_
_refine_ls_shell.pdbx_refine_id 
_refine_ls_shell.d_res_high 
_refine_ls_shell.d_res_low 
_refine_ls_shell.number_reflns_all 
_refine_ls_shell.number_reflns_obs 
_refine_ls_shell.number_reflns_R_free 
_refine_ls_shell.number_reflns_R_work 
_refine_ls_shell.percent_reflns_obs 
_refine_ls_shell.percent_reflns_R_free 
_refine_ls_shell.R_factor_all 
_refine_ls_shell.R_factor_obs 
_refine_ls_shell.R_factor_R_free 
_refine_ls_shell.R_factor_R_free_error 
_refine_ls_shell.R_factor_R_work 
_refine_ls_shell.redundancy_reflns_all 
_refine_ls_shell.redundancy_reflns_obs 
_refine_ls_shell.wR_factor_all 
_refine_ls_shell.wR_factor_obs 
_refine_ls_shell.wR_factor_R_free 
_refine_ls_shell.wR_factor_R_work 
_refine_ls_shell.pdbx_total_number_of_bins_used 
_refine_ls_shell.pdbx_phase_error 
_refine_ls_shell.pdbx_fsc_work 
_refine_ls_shell.pdbx_fsc_free 
'X-RAY DIFFRACTION' 2.0072 2.2091  1356 . 136 1220 99.0000  . . . 0.4278 0.0000 0.3594 . . . . . . 4 . . . 
'X-RAY DIFFRACTION' 2.2091 2.5287  1385 . 139 1246 100.0000 . . . 0.4004 0.0000 0.3387 . . . . . . 4 . . . 
'X-RAY DIFFRACTION' 2.5287 3.1857  1395 . 140 1255 100.0000 . . . 0.3474 0.0000 0.2949 . . . . . . 4 . . . 
'X-RAY DIFFRACTION' 3.1857 39.6980 1462 . 142 1320 99.0000  . . . 0.2226 0.0000 0.2054 . . . . . . 4 . . . 
# 
_struct.entry_id                     6IYQ 
_struct.title                        'Crystal structure of a DNA duplex cross-linked by 6-thioguanine-6-thioguanine disulfides' 
_struct.pdbx_model_details           ? 
_struct.pdbx_formula_weight          ? 
_struct.pdbx_formula_weight_method   ? 
_struct.pdbx_model_type_details      ? 
_struct.pdbx_CASP_flag               N 
# 
_struct_keywords.entry_id        6IYQ 
_struct_keywords.text            '6-thioguanine, disulfide, DNA' 
_struct_keywords.pdbx_keywords   DNA 
# 
loop_
_struct_asym.id 
_struct_asym.pdbx_blank_PDB_chainid_flag 
_struct_asym.pdbx_modified 
_struct_asym.entity_id 
_struct_asym.details 
A N N 1 ? 
B N N 1 ? 
C N N 2 ? 
D N N 2 ? 
# 
_struct_ref.id                         1 
_struct_ref.db_name                    PDB 
_struct_ref.db_code                    6IYQ 
_struct_ref.pdbx_db_accession          6IYQ 
_struct_ref.pdbx_db_isoform            ? 
_struct_ref.entity_id                  1 
_struct_ref.pdbx_seq_one_letter_code   ? 
_struct_ref.pdbx_align_begin           1 
# 
loop_
_struct_ref_seq.align_id 
_struct_ref_seq.ref_id 
_struct_ref_seq.pdbx_PDB_id_code 
_struct_ref_seq.pdbx_strand_id 
_struct_ref_seq.seq_align_beg 
_struct_ref_seq.pdbx_seq_align_beg_ins_code 
_struct_ref_seq.seq_align_end 
_struct_ref_seq.pdbx_seq_align_end_ins_code 
_struct_ref_seq.pdbx_db_accession 
_struct_ref_seq.db_align_beg 
_struct_ref_seq.pdbx_db_align_beg_ins_code 
_struct_ref_seq.db_align_end 
_struct_ref_seq.pdbx_db_align_end_ins_code 
_struct_ref_seq.pdbx_auth_seq_align_beg 
_struct_ref_seq.pdbx_auth_seq_align_end 
1 1 6IYQ A 1 ? 12 ? 6IYQ 1 ? 12 ? 1 12 
2 1 6IYQ B 1 ? 12 ? 6IYQ 1 ? 12 ? 1 12 
# 
_pdbx_struct_assembly.id                   1 
_pdbx_struct_assembly.details              author_and_software_defined_assembly 
_pdbx_struct_assembly.method_details       PISA 
_pdbx_struct_assembly.oligomeric_details   dimeric 
_pdbx_struct_assembly.oligomeric_count     2 
# 
loop_
_pdbx_struct_assembly_prop.biol_id 
_pdbx_struct_assembly_prop.type 
_pdbx_struct_assembly_prop.value 
_pdbx_struct_assembly_prop.details 
1 'ABSA (A^2)' 3720 ? 
1 MORE         10   ? 
1 'SSA (A^2)'  3990 ? 
# 
_pdbx_struct_assembly_gen.assembly_id       1 
_pdbx_struct_assembly_gen.oper_expression   1 
_pdbx_struct_assembly_gen.asym_id_list      A,B,C,D 
# 
_pdbx_struct_assembly_auth_evidence.id                     1 
_pdbx_struct_assembly_auth_evidence.assembly_id            1 
_pdbx_struct_assembly_auth_evidence.experimental_support   'mass spectrometry' 
_pdbx_struct_assembly_auth_evidence.details                ? 
# 
_pdbx_struct_oper_list.id                   1 
_pdbx_struct_oper_list.type                 'identity operation' 
_pdbx_struct_oper_list.name                 1_555 
_pdbx_struct_oper_list.symmetry_operation   x,y,z 
_pdbx_struct_oper_list.matrix[1][1]         1.0000000000 
_pdbx_struct_oper_list.matrix[1][2]         0.0000000000 
_pdbx_struct_oper_list.matrix[1][3]         0.0000000000 
_pdbx_struct_oper_list.vector[1]            0.0000000000 
_pdbx_struct_oper_list.matrix[2][1]         0.0000000000 
_pdbx_struct_oper_list.matrix[2][2]         1.0000000000 
_pdbx_struct_oper_list.matrix[2][3]         0.0000000000 
_pdbx_struct_oper_list.vector[2]            0.0000000000 
_pdbx_struct_oper_list.matrix[3][1]         0.0000000000 
_pdbx_struct_oper_list.matrix[3][2]         0.0000000000 
_pdbx_struct_oper_list.matrix[3][3]         1.0000000000 
_pdbx_struct_oper_list.vector[3]            0.0000000000 
# 
loop_
_struct_conn.id 
_struct_conn.conn_type_id 
_struct_conn.pdbx_leaving_atom_flag 
_struct_conn.pdbx_PDB_id 
_struct_conn.ptnr1_label_asym_id 
_struct_conn.ptnr1_label_comp_id 
_struct_conn.ptnr1_label_seq_id 
_struct_conn.ptnr1_label_atom_id 
_struct_conn.pdbx_ptnr1_label_alt_id 
_struct_conn.pdbx_ptnr1_PDB_ins_code 
_struct_conn.pdbx_ptnr1_standard_comp_id 
_struct_conn.ptnr1_symmetry 
_struct_conn.ptnr2_label_asym_id 
_struct_conn.ptnr2_label_comp_id 
_struct_conn.ptnr2_label_seq_id 
_struct_conn.ptnr2_label_atom_id 
_struct_conn.pdbx_ptnr2_label_alt_id 
_struct_conn.pdbx_ptnr2_PDB_ins_code 
_struct_conn.ptnr1_auth_asym_id 
_struct_conn.ptnr1_auth_comp_id 
_struct_conn.ptnr1_auth_seq_id 
_struct_conn.ptnr2_auth_asym_id 
_struct_conn.ptnr2_auth_comp_id 
_struct_conn.ptnr2_auth_seq_id 
_struct_conn.ptnr2_symmetry 
_struct_conn.pdbx_ptnr3_label_atom_id 
_struct_conn.pdbx_ptnr3_label_seq_id 
_struct_conn.pdbx_ptnr3_label_comp_id 
_struct_conn.pdbx_ptnr3_label_asym_id 
_struct_conn.pdbx_ptnr3_label_alt_id 
_struct_conn.pdbx_ptnr3_PDB_ins_code 
_struct_conn.details 
_struct_conn.pdbx_dist_value 
_struct_conn.pdbx_value_order 
_struct_conn.pdbx_role 
covale1  covale both ? A DA  5  "O3'" ? ? ? 1_555 A S6G 6  P  ? ? A DA  5  A S6G 6  1_555 ? ? ? ? ? ? ?            1.602 ? ? 
covale2  covale both ? A S6G 6  "O3'" ? ? ? 1_555 A S6G 7  P  ? ? A S6G 6  A S6G 7  1_555 ? ? ? ? ? ? ?            1.605 ? ? 
covale3  covale none ? A S6G 6  S6    ? ? ? 1_555 B S6G 7  S6 ? ? A S6G 6  B S6G 7  1_555 ? ? ? ? ? ? ?            2.011 ? ? 
covale4  covale both ? A S6G 7  "O3'" ? ? ? 1_555 A BRU 8  P  ? ? A S6G 7  A BRU 8  1_555 ? ? ? ? ? ? ?            1.602 ? ? 
covale5  covale none ? A S6G 7  S6    ? ? ? 1_555 B S6G 6  S6 ? ? A S6G 7  B S6G 6  1_555 ? ? ? ? ? ? ?            2.012 ? ? 
covale6  covale both ? A BRU 8  "O3'" ? ? ? 1_555 A DC  9  P  ? ? A BRU 8  A DC  9  1_555 ? ? ? ? ? ? ?            1.605 ? ? 
covale7  covale both ? B DA  5  "O3'" ? ? ? 1_555 B S6G 6  P  ? ? B DA  5  B S6G 6  1_555 ? ? ? ? ? ? ?            1.605 ? ? 
covale8  covale both ? B S6G 6  "O3'" ? ? ? 1_555 B S6G 7  P  ? ? B S6G 6  B S6G 7  1_555 ? ? ? ? ? ? ?            1.607 ? ? 
covale9  covale both ? B S6G 7  "O3'" ? ? ? 1_555 B BRU 8  P  ? ? B S6G 7  B BRU 8  1_555 ? ? ? ? ? ? ?            1.597 ? ? 
covale10 covale both ? B BRU 8  "O3'" ? ? ? 1_555 B DC  9  P  ? ? B BRU 8  B DC  9  1_555 ? ? ? ? ? ? ?            1.595 ? ? 
hydrog1  hydrog ?    ? A DC  1  N3    ? ? ? 1_555 B DG  12 N1 ? ? A DC  1  B DG  12 1_555 ? ? ? ? ? ? WATSON-CRICK ?     ? ? 
hydrog2  hydrog ?    ? A DC  1  N4    ? ? ? 1_555 B DG  12 O6 ? ? A DC  1  B DG  12 1_555 ? ? ? ? ? ? WATSON-CRICK ?     ? ? 
hydrog3  hydrog ?    ? A DC  1  O2    ? ? ? 1_555 B DG  12 N2 ? ? A DC  1  B DG  12 1_555 ? ? ? ? ? ? WATSON-CRICK ?     ? ? 
hydrog4  hydrog ?    ? A DG  2  N1    ? ? ? 1_555 B DC  11 N3 ? ? A DG  2  B DC  11 1_555 ? ? ? ? ? ? WATSON-CRICK ?     ? ? 
hydrog5  hydrog ?    ? A DG  2  N2    ? ? ? 1_555 B DC  11 O2 ? ? A DG  2  B DC  11 1_555 ? ? ? ? ? ? WATSON-CRICK ?     ? ? 
hydrog6  hydrog ?    ? A DG  2  O6    ? ? ? 1_555 B DC  11 N4 ? ? A DG  2  B DC  11 1_555 ? ? ? ? ? ? WATSON-CRICK ?     ? ? 
hydrog7  hydrog ?    ? A DC  3  N3    ? ? ? 1_555 B DG  10 N1 ? ? A DC  3  B DG  10 1_555 ? ? ? ? ? ? WATSON-CRICK ?     ? ? 
hydrog8  hydrog ?    ? A DC  3  N4    ? ? ? 1_555 B DG  10 O6 ? ? A DC  3  B DG  10 1_555 ? ? ? ? ? ? WATSON-CRICK ?     ? ? 
hydrog9  hydrog ?    ? A DC  3  O2    ? ? ? 1_555 B DG  10 N2 ? ? A DC  3  B DG  10 1_555 ? ? ? ? ? ? WATSON-CRICK ?     ? ? 
hydrog10 hydrog ?    ? A DG  4  N1    ? ? ? 1_555 B DC  9  N3 ? ? A DG  4  B DC  9  1_555 ? ? ? ? ? ? WATSON-CRICK ?     ? ? 
hydrog11 hydrog ?    ? A DG  4  N2    ? ? ? 1_555 B DC  9  O2 ? ? A DG  4  B DC  9  1_555 ? ? ? ? ? ? WATSON-CRICK ?     ? ? 
hydrog12 hydrog ?    ? A DG  4  O6    ? ? ? 1_555 B DC  9  N4 ? ? A DG  4  B DC  9  1_555 ? ? ? ? ? ? WATSON-CRICK ?     ? ? 
hydrog13 hydrog ?    ? A DA  5  N1    ? ? ? 1_555 B BRU 8  N3 ? ? A DA  5  B BRU 8  1_555 ? ? ? ? ? ? WATSON-CRICK ?     ? ? 
hydrog14 hydrog ?    ? A DA  5  N6    ? ? ? 1_555 B BRU 8  O4 ? ? A DA  5  B BRU 8  1_555 ? ? ? ? ? ? WATSON-CRICK ?     ? ? 
hydrog15 hydrog ?    ? A BRU 8  N3    ? ? ? 1_555 B DA  5  N1 ? ? A BRU 8  B DA  5  1_555 ? ? ? ? ? ? WATSON-CRICK ?     ? ? 
hydrog16 hydrog ?    ? A BRU 8  O4    ? ? ? 1_555 B DA  5  N6 ? ? A BRU 8  B DA  5  1_555 ? ? ? ? ? ? WATSON-CRICK ?     ? ? 
hydrog17 hydrog ?    ? A DC  9  N3    ? ? ? 1_555 B DG  4  N1 ? ? A DC  9  B DG  4  1_555 ? ? ? ? ? ? WATSON-CRICK ?     ? ? 
hydrog18 hydrog ?    ? A DC  9  N4    ? ? ? 1_555 B DG  4  O6 ? ? A DC  9  B DG  4  1_555 ? ? ? ? ? ? WATSON-CRICK ?     ? ? 
hydrog19 hydrog ?    ? A DC  9  O2    ? ? ? 1_555 B DG  4  N2 ? ? A DC  9  B DG  4  1_555 ? ? ? ? ? ? WATSON-CRICK ?     ? ? 
hydrog20 hydrog ?    ? A DG  10 N1    ? ? ? 1_555 B DC  3  N3 ? ? A DG  10 B DC  3  1_555 ? ? ? ? ? ? WATSON-CRICK ?     ? ? 
hydrog21 hydrog ?    ? A DG  10 N2    ? ? ? 1_555 B DC  3  O2 ? ? A DG  10 B DC  3  1_555 ? ? ? ? ? ? WATSON-CRICK ?     ? ? 
hydrog22 hydrog ?    ? A DG  10 O6    ? ? ? 1_555 B DC  3  N4 ? ? A DG  10 B DC  3  1_555 ? ? ? ? ? ? WATSON-CRICK ?     ? ? 
hydrog23 hydrog ?    ? A DC  11 N3    ? ? ? 1_555 B DG  2  N1 ? ? A DC  11 B DG  2  1_555 ? ? ? ? ? ? WATSON-CRICK ?     ? ? 
hydrog24 hydrog ?    ? A DC  11 N4    ? ? ? 1_555 B DG  2  O6 ? ? A DC  11 B DG  2  1_555 ? ? ? ? ? ? WATSON-CRICK ?     ? ? 
hydrog25 hydrog ?    ? A DC  11 O2    ? ? ? 1_555 B DG  2  N2 ? ? A DC  11 B DG  2  1_555 ? ? ? ? ? ? WATSON-CRICK ?     ? ? 
# 
loop_
_struct_conn_type.id 
_struct_conn_type.criteria 
_struct_conn_type.reference 
covale ? ? 
hydrog ? ? 
# 
_pdbx_validate_rmsd_bond.id                        1 
_pdbx_validate_rmsd_bond.PDB_model_num             1 
_pdbx_validate_rmsd_bond.auth_atom_id_1            "O3'" 
_pdbx_validate_rmsd_bond.auth_asym_id_1            B 
_pdbx_validate_rmsd_bond.auth_comp_id_1            DC 
_pdbx_validate_rmsd_bond.auth_seq_id_1             11 
_pdbx_validate_rmsd_bond.PDB_ins_code_1            ? 
_pdbx_validate_rmsd_bond.label_alt_id_1            ? 
_pdbx_validate_rmsd_bond.auth_atom_id_2            "C3'" 
_pdbx_validate_rmsd_bond.auth_asym_id_2            B 
_pdbx_validate_rmsd_bond.auth_comp_id_2            DC 
_pdbx_validate_rmsd_bond.auth_seq_id_2             11 
_pdbx_validate_rmsd_bond.PDB_ins_code_2            ? 
_pdbx_validate_rmsd_bond.label_alt_id_2            ? 
_pdbx_validate_rmsd_bond.bond_value                1.382 
_pdbx_validate_rmsd_bond.bond_target_value         1.419 
_pdbx_validate_rmsd_bond.bond_deviation            -0.037 
_pdbx_validate_rmsd_bond.bond_standard_deviation   0.006 
_pdbx_validate_rmsd_bond.linker_flag               N 
# 
_phasing.method   MAD 
# 
loop_
_chem_comp_atom.comp_id 
_chem_comp_atom.atom_id 
_chem_comp_atom.type_symbol 
_chem_comp_atom.pdbx_aromatic_flag 
_chem_comp_atom.pdbx_stereo_config 
_chem_comp_atom.pdbx_ordinal 
BRU N1     N  N N 1   
BRU C2     C  N N 2   
BRU N3     N  N N 3   
BRU C4     C  N N 4   
BRU C5     C  N N 5   
BRU C6     C  N N 6   
BRU O2     O  N N 7   
BRU O4     O  N N 8   
BRU BR     BR N N 9   
BRU "C1'"  C  N R 10  
BRU "C2'"  C  N N 11  
BRU "C3'"  C  N S 12  
BRU "C4'"  C  N R 13  
BRU "O3'"  O  N N 14  
BRU "O4'"  O  N N 15  
BRU "C5'"  C  N N 16  
BRU "O5'"  O  N N 17  
BRU P      P  N N 18  
BRU OP1    O  N N 19  
BRU OP2    O  N N 20  
BRU OP3    O  N N 21  
BRU HN3    H  N N 22  
BRU H6     H  N N 23  
BRU "H1'"  H  N N 24  
BRU "H2'"  H  N N 25  
BRU "H2''" H  N N 26  
BRU "H3'"  H  N N 27  
BRU "H4'"  H  N N 28  
BRU "HO3'" H  N N 29  
BRU "H5'"  H  N N 30  
BRU "H5''" H  N N 31  
BRU HOP2   H  N N 32  
BRU HOP3   H  N N 33  
DA  OP3    O  N N 34  
DA  P      P  N N 35  
DA  OP1    O  N N 36  
DA  OP2    O  N N 37  
DA  "O5'"  O  N N 38  
DA  "C5'"  C  N N 39  
DA  "C4'"  C  N R 40  
DA  "O4'"  O  N N 41  
DA  "C3'"  C  N S 42  
DA  "O3'"  O  N N 43  
DA  "C2'"  C  N N 44  
DA  "C1'"  C  N R 45  
DA  N9     N  Y N 46  
DA  C8     C  Y N 47  
DA  N7     N  Y N 48  
DA  C5     C  Y N 49  
DA  C6     C  Y N 50  
DA  N6     N  N N 51  
DA  N1     N  Y N 52  
DA  C2     C  Y N 53  
DA  N3     N  Y N 54  
DA  C4     C  Y N 55  
DA  HOP3   H  N N 56  
DA  HOP2   H  N N 57  
DA  "H5'"  H  N N 58  
DA  "H5''" H  N N 59  
DA  "H4'"  H  N N 60  
DA  "H3'"  H  N N 61  
DA  "HO3'" H  N N 62  
DA  "H2'"  H  N N 63  
DA  "H2''" H  N N 64  
DA  "H1'"  H  N N 65  
DA  H8     H  N N 66  
DA  H61    H  N N 67  
DA  H62    H  N N 68  
DA  H2     H  N N 69  
DC  OP3    O  N N 70  
DC  P      P  N N 71  
DC  OP1    O  N N 72  
DC  OP2    O  N N 73  
DC  "O5'"  O  N N 74  
DC  "C5'"  C  N N 75  
DC  "C4'"  C  N R 76  
DC  "O4'"  O  N N 77  
DC  "C3'"  C  N S 78  
DC  "O3'"  O  N N 79  
DC  "C2'"  C  N N 80  
DC  "C1'"  C  N R 81  
DC  N1     N  N N 82  
DC  C2     C  N N 83  
DC  O2     O  N N 84  
DC  N3     N  N N 85  
DC  C4     C  N N 86  
DC  N4     N  N N 87  
DC  C5     C  N N 88  
DC  C6     C  N N 89  
DC  HOP3   H  N N 90  
DC  HOP2   H  N N 91  
DC  "H5'"  H  N N 92  
DC  "H5''" H  N N 93  
DC  "H4'"  H  N N 94  
DC  "H3'"  H  N N 95  
DC  "HO3'" H  N N 96  
DC  "H2'"  H  N N 97  
DC  "H2''" H  N N 98  
DC  "H1'"  H  N N 99  
DC  H41    H  N N 100 
DC  H42    H  N N 101 
DC  H5     H  N N 102 
DC  H6     H  N N 103 
DG  OP3    O  N N 104 
DG  P      P  N N 105 
DG  OP1    O  N N 106 
DG  OP2    O  N N 107 
DG  "O5'"  O  N N 108 
DG  "C5'"  C  N N 109 
DG  "C4'"  C  N R 110 
DG  "O4'"  O  N N 111 
DG  "C3'"  C  N S 112 
DG  "O3'"  O  N N 113 
DG  "C2'"  C  N N 114 
DG  "C1'"  C  N R 115 
DG  N9     N  Y N 116 
DG  C8     C  Y N 117 
DG  N7     N  Y N 118 
DG  C5     C  Y N 119 
DG  C6     C  N N 120 
DG  O6     O  N N 121 
DG  N1     N  N N 122 
DG  C2     C  N N 123 
DG  N2     N  N N 124 
DG  N3     N  N N 125 
DG  C4     C  Y N 126 
DG  HOP3   H  N N 127 
DG  HOP2   H  N N 128 
DG  "H5'"  H  N N 129 
DG  "H5''" H  N N 130 
DG  "H4'"  H  N N 131 
DG  "H3'"  H  N N 132 
DG  "HO3'" H  N N 133 
DG  "H2'"  H  N N 134 
DG  "H2''" H  N N 135 
DG  "H1'"  H  N N 136 
DG  H8     H  N N 137 
DG  H1     H  N N 138 
DG  H21    H  N N 139 
DG  H22    H  N N 140 
HOH O      O  N N 141 
HOH H1     H  N N 142 
HOH H2     H  N N 143 
S6G P      P  N N 144 
S6G OP1    O  N N 145 
S6G OP2    O  N N 146 
S6G OP3    O  N N 147 
S6G "O5'"  O  N N 148 
S6G "C5'"  C  N N 149 
S6G "C4'"  C  N R 150 
S6G "O4'"  O  N N 151 
S6G "C3'"  C  N S 152 
S6G "O3'"  O  N N 153 
S6G "C2'"  C  N N 154 
S6G "C1'"  C  N R 155 
S6G N9     N  Y N 156 
S6G C8     C  Y N 157 
S6G N7     N  Y N 158 
S6G C5     C  Y N 159 
S6G C6     C  N N 160 
S6G S6     S  N N 161 
S6G N1     N  N N 162 
S6G C2     C  N N 163 
S6G N2     N  N N 164 
S6G N3     N  N N 165 
S6G C4     C  Y N 166 
S6G HOP2   H  N N 167 
S6G HOP3   H  N N 168 
S6G "H5'"  H  N N 169 
S6G "H5''" H  N N 170 
S6G "H4'"  H  N N 171 
S6G "H3'"  H  N N 172 
S6G "HO3'" H  N N 173 
S6G "H2'"  H  N N 174 
S6G "H2''" H  N N 175 
S6G "H1'"  H  N N 176 
S6G H8     H  N N 177 
S6G HN1    H  N N 178 
S6G HN21   H  N N 179 
S6G HN22   H  N N 180 
# 
loop_
_chem_comp_bond.comp_id 
_chem_comp_bond.atom_id_1 
_chem_comp_bond.atom_id_2 
_chem_comp_bond.value_order 
_chem_comp_bond.pdbx_aromatic_flag 
_chem_comp_bond.pdbx_stereo_config 
_chem_comp_bond.pdbx_ordinal 
BRU N1    C2     sing N N 1   
BRU N1    C6     sing N N 2   
BRU N1    "C1'"  sing N N 3   
BRU C2    N3     sing N N 4   
BRU C2    O2     doub N N 5   
BRU N3    C4     sing N N 6   
BRU N3    HN3    sing N N 7   
BRU C4    C5     sing N N 8   
BRU C4    O4     doub N N 9   
BRU C5    C6     doub N N 10  
BRU C5    BR     sing N N 11  
BRU C6    H6     sing N N 12  
BRU "C1'" "C2'"  sing N N 13  
BRU "C1'" "O4'"  sing N N 14  
BRU "C1'" "H1'"  sing N N 15  
BRU "C2'" "C3'"  sing N N 16  
BRU "C2'" "H2'"  sing N N 17  
BRU "C2'" "H2''" sing N N 18  
BRU "C3'" "C4'"  sing N N 19  
BRU "C3'" "O3'"  sing N N 20  
BRU "C3'" "H3'"  sing N N 21  
BRU "C4'" "O4'"  sing N N 22  
BRU "C4'" "C5'"  sing N N 23  
BRU "C4'" "H4'"  sing N N 24  
BRU "O3'" "HO3'" sing N N 25  
BRU "C5'" "O5'"  sing N N 26  
BRU "C5'" "H5'"  sing N N 27  
BRU "C5'" "H5''" sing N N 28  
BRU "O5'" P      sing N N 29  
BRU P     OP1    doub N N 30  
BRU P     OP2    sing N N 31  
BRU P     OP3    sing N N 32  
BRU OP2   HOP2   sing N N 33  
BRU OP3   HOP3   sing N N 34  
DA  OP3   P      sing N N 35  
DA  OP3   HOP3   sing N N 36  
DA  P     OP1    doub N N 37  
DA  P     OP2    sing N N 38  
DA  P     "O5'"  sing N N 39  
DA  OP2   HOP2   sing N N 40  
DA  "O5'" "C5'"  sing N N 41  
DA  "C5'" "C4'"  sing N N 42  
DA  "C5'" "H5'"  sing N N 43  
DA  "C5'" "H5''" sing N N 44  
DA  "C4'" "O4'"  sing N N 45  
DA  "C4'" "C3'"  sing N N 46  
DA  "C4'" "H4'"  sing N N 47  
DA  "O4'" "C1'"  sing N N 48  
DA  "C3'" "O3'"  sing N N 49  
DA  "C3'" "C2'"  sing N N 50  
DA  "C3'" "H3'"  sing N N 51  
DA  "O3'" "HO3'" sing N N 52  
DA  "C2'" "C1'"  sing N N 53  
DA  "C2'" "H2'"  sing N N 54  
DA  "C2'" "H2''" sing N N 55  
DA  "C1'" N9     sing N N 56  
DA  "C1'" "H1'"  sing N N 57  
DA  N9    C8     sing Y N 58  
DA  N9    C4     sing Y N 59  
DA  C8    N7     doub Y N 60  
DA  C8    H8     sing N N 61  
DA  N7    C5     sing Y N 62  
DA  C5    C6     sing Y N 63  
DA  C5    C4     doub Y N 64  
DA  C6    N6     sing N N 65  
DA  C6    N1     doub Y N 66  
DA  N6    H61    sing N N 67  
DA  N6    H62    sing N N 68  
DA  N1    C2     sing Y N 69  
DA  C2    N3     doub Y N 70  
DA  C2    H2     sing N N 71  
DA  N3    C4     sing Y N 72  
DC  OP3   P      sing N N 73  
DC  OP3   HOP3   sing N N 74  
DC  P     OP1    doub N N 75  
DC  P     OP2    sing N N 76  
DC  P     "O5'"  sing N N 77  
DC  OP2   HOP2   sing N N 78  
DC  "O5'" "C5'"  sing N N 79  
DC  "C5'" "C4'"  sing N N 80  
DC  "C5'" "H5'"  sing N N 81  
DC  "C5'" "H5''" sing N N 82  
DC  "C4'" "O4'"  sing N N 83  
DC  "C4'" "C3'"  sing N N 84  
DC  "C4'" "H4'"  sing N N 85  
DC  "O4'" "C1'"  sing N N 86  
DC  "C3'" "O3'"  sing N N 87  
DC  "C3'" "C2'"  sing N N 88  
DC  "C3'" "H3'"  sing N N 89  
DC  "O3'" "HO3'" sing N N 90  
DC  "C2'" "C1'"  sing N N 91  
DC  "C2'" "H2'"  sing N N 92  
DC  "C2'" "H2''" sing N N 93  
DC  "C1'" N1     sing N N 94  
DC  "C1'" "H1'"  sing N N 95  
DC  N1    C2     sing N N 96  
DC  N1    C6     sing N N 97  
DC  C2    O2     doub N N 98  
DC  C2    N3     sing N N 99  
DC  N3    C4     doub N N 100 
DC  C4    N4     sing N N 101 
DC  C4    C5     sing N N 102 
DC  N4    H41    sing N N 103 
DC  N4    H42    sing N N 104 
DC  C5    C6     doub N N 105 
DC  C5    H5     sing N N 106 
DC  C6    H6     sing N N 107 
DG  OP3   P      sing N N 108 
DG  OP3   HOP3   sing N N 109 
DG  P     OP1    doub N N 110 
DG  P     OP2    sing N N 111 
DG  P     "O5'"  sing N N 112 
DG  OP2   HOP2   sing N N 113 
DG  "O5'" "C5'"  sing N N 114 
DG  "C5'" "C4'"  sing N N 115 
DG  "C5'" "H5'"  sing N N 116 
DG  "C5'" "H5''" sing N N 117 
DG  "C4'" "O4'"  sing N N 118 
DG  "C4'" "C3'"  sing N N 119 
DG  "C4'" "H4'"  sing N N 120 
DG  "O4'" "C1'"  sing N N 121 
DG  "C3'" "O3'"  sing N N 122 
DG  "C3'" "C2'"  sing N N 123 
DG  "C3'" "H3'"  sing N N 124 
DG  "O3'" "HO3'" sing N N 125 
DG  "C2'" "C1'"  sing N N 126 
DG  "C2'" "H2'"  sing N N 127 
DG  "C2'" "H2''" sing N N 128 
DG  "C1'" N9     sing N N 129 
DG  "C1'" "H1'"  sing N N 130 
DG  N9    C8     sing Y N 131 
DG  N9    C4     sing Y N 132 
DG  C8    N7     doub Y N 133 
DG  C8    H8     sing N N 134 
DG  N7    C5     sing Y N 135 
DG  C5    C6     sing N N 136 
DG  C5    C4     doub Y N 137 
DG  C6    O6     doub N N 138 
DG  C6    N1     sing N N 139 
DG  N1    C2     sing N N 140 
DG  N1    H1     sing N N 141 
DG  C2    N2     sing N N 142 
DG  C2    N3     doub N N 143 
DG  N2    H21    sing N N 144 
DG  N2    H22    sing N N 145 
DG  N3    C4     sing N N 146 
HOH O     H1     sing N N 147 
HOH O     H2     sing N N 148 
S6G P     OP1    doub N N 149 
S6G P     OP2    sing N N 150 
S6G P     OP3    sing N N 151 
S6G P     "O5'"  sing N N 152 
S6G OP2   HOP2   sing N N 153 
S6G OP3   HOP3   sing N N 154 
S6G "O5'" "C5'"  sing N N 155 
S6G "C5'" "C4'"  sing N N 156 
S6G "C5'" "H5'"  sing N N 157 
S6G "C5'" "H5''" sing N N 158 
S6G "C4'" "O4'"  sing N N 159 
S6G "C4'" "C3'"  sing N N 160 
S6G "C4'" "H4'"  sing N N 161 
S6G "O4'" "C1'"  sing N N 162 
S6G "C3'" "O3'"  sing N N 163 
S6G "C3'" "C2'"  sing N N 164 
S6G "C3'" "H3'"  sing N N 165 
S6G "O3'" "HO3'" sing N N 166 
S6G "C2'" "C1'"  sing N N 167 
S6G "C2'" "H2'"  sing N N 168 
S6G "C2'" "H2''" sing N N 169 
S6G "C1'" N9     sing N N 170 
S6G "C1'" "H1'"  sing N N 171 
S6G N9    C8     sing Y N 172 
S6G N9    C4     sing Y N 173 
S6G C8    N7     doub Y N 174 
S6G C8    H8     sing N N 175 
S6G N7    C5     sing Y N 176 
S6G C5    C6     sing N N 177 
S6G C5    C4     doub Y N 178 
S6G C6    S6     doub N N 179 
S6G C6    N1     sing N N 180 
S6G N1    C2     sing N N 181 
S6G N1    HN1    sing N N 182 
S6G C2    N2     sing N N 183 
S6G C2    N3     doub N N 184 
S6G N2    HN21   sing N N 185 
S6G N2    HN22   sing N N 186 
S6G N3    C4     sing N N 187 
# 
_ndb_struct_conf_na.entry_id   6IYQ 
_ndb_struct_conf_na.feature    'b-form double helix' 
# 
loop_
_ndb_struct_na_base_pair.model_number 
_ndb_struct_na_base_pair.i_label_asym_id 
_ndb_struct_na_base_pair.i_label_comp_id 
_ndb_struct_na_base_pair.i_label_seq_id 
_ndb_struct_na_base_pair.i_symmetry 
_ndb_struct_na_base_pair.j_label_asym_id 
_ndb_struct_na_base_pair.j_label_comp_id 
_ndb_struct_na_base_pair.j_label_seq_id 
_ndb_struct_na_base_pair.j_symmetry 
_ndb_struct_na_base_pair.shear 
_ndb_struct_na_base_pair.stretch 
_ndb_struct_na_base_pair.stagger 
_ndb_struct_na_base_pair.buckle 
_ndb_struct_na_base_pair.propeller 
_ndb_struct_na_base_pair.opening 
_ndb_struct_na_base_pair.pair_number 
_ndb_struct_na_base_pair.pair_name 
_ndb_struct_na_base_pair.i_auth_asym_id 
_ndb_struct_na_base_pair.i_auth_seq_id 
_ndb_struct_na_base_pair.i_PDB_ins_code 
_ndb_struct_na_base_pair.j_auth_asym_id 
_ndb_struct_na_base_pair.j_auth_seq_id 
_ndb_struct_na_base_pair.j_PDB_ins_code 
_ndb_struct_na_base_pair.hbond_type_28 
_ndb_struct_na_base_pair.hbond_type_12 
1 A DC  1  1_555 B DG  12 1_555 0.496  -0.164 0.377  -21.974 -8.208  2.187  1 A_DC1:DG12_B A 1  ? B 12 ? 19 1 
1 A DG  2  1_555 B DC  11 1_555 -0.787 0.129  0.012  -3.793  -7.269  7.056  2 A_DG2:DC11_B A 2  ? B 11 ? 19 1 
1 A DC  3  1_555 B DG  10 1_555 0.600  -0.031 0.408  -5.804  -12.475 1.378  3 A_DC3:DG10_B A 3  ? B 10 ? 19 1 
1 A DG  4  1_555 B DC  9  1_555 -0.350 -0.149 -0.097 10.019  7.185   0.534  4 A_DG4:DC9_B  A 4  ? B 9  ? 19 1 
1 A DA  5  1_555 B BRU 8  1_555 0.467  0.011  0.810  33.931  -7.828  2.156  5 A_DA5:BRU8_B A 5  ? B 8  ? 20 1 
1 A BRU 8  1_555 B DA  5  1_555 -0.078 0.182  0.709  -38.045 -6.686  1.645  6 A_BRU8:DA5_B A 8  ? B 5  ? 20 1 
1 A DC  9  1_555 B DG  4  1_555 0.162  -0.545 -0.092 -9.498  -1.040  -2.853 7 A_DC9:DG4_B  A 9  ? B 4  ? 19 1 
1 A DG  10 1_555 B DC  3  1_555 -0.176 -0.086 -0.072 -0.622  -2.318  -1.154 8 A_DG10:DC3_B A 10 ? B 3  ? 19 1 
1 A DC  11 1_555 B DG  2  1_555 0.075  0.074  0.124  8.498   -1.781  -1.434 9 A_DC11:DG2_B A 11 ? B 2  ? 19 1 
# 
loop_
_ndb_struct_na_base_pair_step.model_number 
_ndb_struct_na_base_pair_step.i_label_asym_id_1 
_ndb_struct_na_base_pair_step.i_label_comp_id_1 
_ndb_struct_na_base_pair_step.i_label_seq_id_1 
_ndb_struct_na_base_pair_step.i_symmetry_1 
_ndb_struct_na_base_pair_step.j_label_asym_id_1 
_ndb_struct_na_base_pair_step.j_label_comp_id_1 
_ndb_struct_na_base_pair_step.j_label_seq_id_1 
_ndb_struct_na_base_pair_step.j_symmetry_1 
_ndb_struct_na_base_pair_step.i_label_asym_id_2 
_ndb_struct_na_base_pair_step.i_label_comp_id_2 
_ndb_struct_na_base_pair_step.i_label_seq_id_2 
_ndb_struct_na_base_pair_step.i_symmetry_2 
_ndb_struct_na_base_pair_step.j_label_asym_id_2 
_ndb_struct_na_base_pair_step.j_label_comp_id_2 
_ndb_struct_na_base_pair_step.j_label_seq_id_2 
_ndb_struct_na_base_pair_step.j_symmetry_2 
_ndb_struct_na_base_pair_step.shift 
_ndb_struct_na_base_pair_step.slide 
_ndb_struct_na_base_pair_step.rise 
_ndb_struct_na_base_pair_step.tilt 
_ndb_struct_na_base_pair_step.roll 
_ndb_struct_na_base_pair_step.twist 
_ndb_struct_na_base_pair_step.x_displacement 
_ndb_struct_na_base_pair_step.y_displacement 
_ndb_struct_na_base_pair_step.helical_rise 
_ndb_struct_na_base_pair_step.inclination 
_ndb_struct_na_base_pair_step.tip 
_ndb_struct_na_base_pair_step.helical_twist 
_ndb_struct_na_base_pair_step.step_number 
_ndb_struct_na_base_pair_step.step_name 
_ndb_struct_na_base_pair_step.i_auth_asym_id_1 
_ndb_struct_na_base_pair_step.i_auth_seq_id_1 
_ndb_struct_na_base_pair_step.i_PDB_ins_code_1 
_ndb_struct_na_base_pair_step.j_auth_asym_id_1 
_ndb_struct_na_base_pair_step.j_auth_seq_id_1 
_ndb_struct_na_base_pair_step.j_PDB_ins_code_1 
_ndb_struct_na_base_pair_step.i_auth_asym_id_2 
_ndb_struct_na_base_pair_step.i_auth_seq_id_2 
_ndb_struct_na_base_pair_step.i_PDB_ins_code_2 
_ndb_struct_na_base_pair_step.j_auth_asym_id_2 
_ndb_struct_na_base_pair_step.j_auth_seq_id_2 
_ndb_struct_na_base_pair_step.j_PDB_ins_code_2 
1 A DC  1  1_555 B DG 12 1_555 A DG 2  1_555 B DC  11 1_555 0.250  1.583 3.162 6.509  3.280  30.955 2.290 0.737  3.291 6.041  
-11.988 31.782 1 AA_DC1DG2:DC11DG12_BB A 1  ? B 12 ? A 2  ? B 11 ? 
1 A DG  2  1_555 B DC 11 1_555 A DC 3  1_555 B DG  10 1_555 -0.234 0.117 3.346 -2.192 -0.663 34.929 0.296 0.050  3.352 -1.103 
3.647   35.002 2 AA_DG2DC3:DG10DC11_BB A 2  ? B 11 ? A 3  ? B 10 ? 
1 A DC  3  1_555 B DG 10 1_555 A DG 4  1_555 B DC  9  1_555 1.338  1.685 3.032 8.317  1.564  31.854 2.707 -0.955 3.342 2.789  
-14.829 32.930 3 AA_DC3DG4:DC9DG10_BB  A 3  ? B 10 ? A 4  ? B 9  ? 
1 A DG  4  1_555 B DC 9  1_555 A DA 5  1_555 B BRU 8  1_555 -0.265 1.321 2.830 -1.763 1.568  35.561 1.960 0.208  2.893 2.563  
2.883   35.636 4 AA_DG4DA5:BRU8DC9_BB  A 4  ? B 9  ? A 5  ? B 8  ? 
1 A BRU 8  1_555 B DA 5  1_555 A DC 9  1_555 B DG  4  1_555 -0.542 1.207 2.685 -0.811 7.739  25.163 0.827 0.999  2.935 17.246 
1.808   26.320 5 AA_BRU8DC9:DG4DA5_BB  A 8  ? B 5  ? A 9  ? B 4  ? 
1 A DC  9  1_555 B DG 4  1_555 A DG 10 1_555 B DC  3  1_555 -0.079 1.268 3.191 -3.083 4.356  31.295 1.517 -0.423 3.325 8.001  
5.663   31.736 6 AA_DC9DG10:DC3DG4_BB  A 9  ? B 4  ? A 10 ? B 3  ? 
1 A DG  10 1_555 B DC 3  1_555 A DC 11 1_555 B DG  2  1_555 -0.609 0.292 3.121 -2.375 -2.922 34.472 0.918 0.673  3.120 -4.913 
3.993   34.670 7 AA_DG10DC11:DG2DC3_BB A 10 ? B 3  ? A 11 ? B 2  ? 
# 
_atom_sites.entry_id                    6IYQ 
_atom_sites.fract_transf_matrix[1][1]   -0.01054451 
_atom_sites.fract_transf_matrix[1][2]   -0.01785513 
_atom_sites.fract_transf_matrix[1][3]   0.00763447 
_atom_sites.fract_transf_matrix[2][1]   -0.00325203 
_atom_sites.fract_transf_matrix[2][2]   -0.00670087 
_atom_sites.fract_transf_matrix[2][3]   -0.02016328 
_atom_sites.fract_transf_matrix[3][1]   0.01137761 
_atom_sites.fract_transf_matrix[3][2]   -0.00657017 
_atom_sites.fract_transf_matrix[3][3]   0.00034843 
_atom_sites.fract_transf_vector[1]      0.310940 
_atom_sites.fract_transf_vector[2]      -0.304058 
_atom_sites.fract_transf_vector[3]      -0.144449 
# 
loop_
_atom_type.symbol 
BR 
C  
N  
O  
P  
S  
# 
loop_
_atom_site.group_PDB 
_atom_site.id 
_atom_site.type_symbol 
_atom_site.label_atom_id 
_atom_site.label_alt_id 
_atom_site.label_comp_id 
_atom_site.label_asym_id 
_atom_site.label_entity_id 
_atom_site.label_seq_id 
_atom_site.pdbx_PDB_ins_code 
_atom_site.Cartn_x 
_atom_site.Cartn_y 
_atom_site.Cartn_z 
_atom_site.occupancy 
_atom_site.B_iso_or_equiv 
_atom_site.pdbx_formal_charge 
_atom_site.auth_seq_id 
_atom_site.auth_comp_id 
_atom_site.auth_asym_id 
_atom_site.auth_atom_id 
_atom_site.pdbx_PDB_model_num 
ATOM   1   O  "O5'" . DC  A 1 1  ? -3.632  16.710  12.226  1.00 43.31 ? 1   DC  A "O5'" 1 
ATOM   2   C  "C5'" . DC  A 1 1  ? -2.537  15.836  12.041  1.00 47.39 ? 1   DC  A "C5'" 1 
ATOM   3   C  "C4'" . DC  A 1 1  ? -1.601  15.910  13.237  1.00 43.98 ? 1   DC  A "C4'" 1 
ATOM   4   O  "O4'" . DC  A 1 1  ? -2.351  15.644  14.444  1.00 39.42 ? 1   DC  A "O4'" 1 
ATOM   5   C  "C3'" . DC  A 1 1  ? -0.477  14.893  13.227  1.00 43.76 ? 1   DC  A "C3'" 1 
ATOM   6   O  "O3'" . DC  A 1 1  ? 0.644   15.380  13.952  1.00 47.95 ? 1   DC  A "O3'" 1 
ATOM   7   C  "C2'" . DC  A 1 1  ? -1.102  13.690  13.916  1.00 44.72 ? 1   DC  A "C2'" 1 
ATOM   8   C  "C1'" . DC  A 1 1  ? -2.139  14.313  14.860  1.00 44.15 ? 1   DC  A "C1'" 1 
ATOM   9   N  N1    . DC  A 1 1  ? -3.445  13.591  14.837  1.00 40.67 ? 1   DC  A N1    1 
ATOM   10  C  C2    . DC  A 1 1  ? -3.494  12.251  15.222  1.00 44.02 ? 1   DC  A C2    1 
ATOM   11  O  O2    . DC  A 1 1  ? -2.458  11.692  15.587  1.00 39.75 ? 1   DC  A O2    1 
ATOM   12  N  N3    . DC  A 1 1  ? -4.678  11.593  15.180  1.00 41.13 ? 1   DC  A N3    1 
ATOM   13  C  C4    . DC  A 1 1  ? -5.774  12.217  14.792  1.00 40.34 ? 1   DC  A C4    1 
ATOM   14  N  N4    . DC  A 1 1  ? -6.909  11.524  14.798  1.00 38.21 ? 1   DC  A N4    1 
ATOM   15  C  C5    . DC  A 1 1  ? -5.758  13.588  14.397  1.00 44.27 ? 1   DC  A C5    1 
ATOM   16  C  C6    . DC  A 1 1  ? -4.577  14.229  14.434  1.00 42.65 ? 1   DC  A C6    1 
ATOM   17  P  P     . DG  A 1 2  ? 1.903   15.941  13.138  1.00 53.68 ? 2   DG  A P     1 
ATOM   18  O  OP1   . DG  A 1 2  ? 2.853   16.561  14.085  1.00 61.97 ? 2   DG  A OP1   1 
ATOM   19  O  OP2   . DG  A 1 2  ? 1.343   16.678  11.974  1.00 54.80 ? 2   DG  A OP2   1 
ATOM   20  O  "O5'" . DG  A 1 2  ? 2.590   14.633  12.533  1.00 61.26 ? 2   DG  A "O5'" 1 
ATOM   21  C  "C5'" . DG  A 1 2  ? 3.051   13.612  13.410  1.00 56.14 ? 2   DG  A "C5'" 1 
ATOM   22  C  "C4'" . DG  A 1 2  ? 2.920   12.258  12.748  1.00 55.45 ? 2   DG  A "C4'" 1 
ATOM   23  O  "O4'" . DG  A 1 2  ? 1.544   11.830  12.770  1.00 54.09 ? 2   DG  A "O4'" 1 
ATOM   24  C  "C3'" . DG  A 1 2  ? 3.361   12.222  11.291  1.00 56.92 ? 2   DG  A "C3'" 1 
ATOM   25  O  "O3'" . DG  A 1 2  ? 4.438   11.294  11.184  1.00 64.27 ? 2   DG  A "O3'" 1 
ATOM   26  C  "C2'" . DG  A 1 2  ? 2.099   11.788  10.508  1.00 56.17 ? 2   DG  A "C2'" 1 
ATOM   27  C  "C1'" . DG  A 1 2  ? 1.244   11.138  11.584  1.00 50.56 ? 2   DG  A "C1'" 1 
ATOM   28  N  N9    . DG  A 1 2  ? -0.193  11.265  11.369  1.00 47.71 ? 2   DG  A N9    1 
ATOM   29  C  C8    . DG  A 1 2  ? -0.849  12.283  10.719  1.00 48.25 ? 2   DG  A C8    1 
ATOM   30  N  N7    . DG  A 1 2  ? -2.148  12.145  10.716  1.00 47.19 ? 2   DG  A N7    1 
ATOM   31  C  C5    . DG  A 1 2  ? -2.367  10.975  11.432  1.00 43.97 ? 2   DG  A C5    1 
ATOM   32  C  C6    . DG  A 1 2  ? -3.579  10.320  11.766  1.00 39.92 ? 2   DG  A C6    1 
ATOM   33  O  O6    . DG  A 1 2  ? -4.730  10.658  11.494  1.00 39.78 ? 2   DG  A O6    1 
ATOM   34  N  N1    . DG  A 1 2  ? -3.358  9.165   12.505  1.00 40.86 ? 2   DG  A N1    1 
ATOM   35  C  C2    . DG  A 1 2  ? -2.123  8.695   12.872  1.00 40.94 ? 2   DG  A C2    1 
ATOM   36  N  N2    . DG  A 1 2  ? -2.109  7.556   13.582  1.00 46.44 ? 2   DG  A N2    1 
ATOM   37  N  N3    . DG  A 1 2  ? -0.978  9.293   12.561  1.00 43.96 ? 2   DG  A N3    1 
ATOM   38  C  C4    . DG  A 1 2  ? -1.176  10.429  11.849  1.00 45.57 ? 2   DG  A C4    1 
ATOM   39  P  P     . DC  A 1 3  ? 4.952   10.750  9.770   1.00 59.51 ? 3   DC  A P     1 
ATOM   40  O  OP1   . DC  A 1 3  ? 6.413   10.594  9.939   1.00 68.25 ? 3   DC  A OP1   1 
ATOM   41  O  OP2   . DC  A 1 3  ? 4.417   11.562  8.653   1.00 64.87 ? 3   DC  A OP2   1 
ATOM   42  O  "O5'" . DC  A 1 3  ? 4.311   9.293   9.703   1.00 61.40 ? 3   DC  A "O5'" 1 
ATOM   43  C  "C5'" . DC  A 1 3  ? 4.669   8.367   10.704  1.00 58.62 ? 3   DC  A "C5'" 1 
ATOM   44  C  "C4'" . DC  A 1 3  ? 3.519   7.446   11.045  1.00 56.48 ? 3   DC  A "C4'" 1 
ATOM   45  O  "O4'" . DC  A 1 3  ? 2.251   8.084   10.783  1.00 55.60 ? 3   DC  A "O4'" 1 
ATOM   46  C  "C3'" . DC  A 1 3  ? 3.494   6.132   10.273  1.00 54.97 ? 3   DC  A "C3'" 1 
ATOM   47  O  "O3'" . DC  A 1 3  ? 3.505   5.080   11.192  1.00 51.29 ? 3   DC  A "O3'" 1 
ATOM   48  C  "C2'" . DC  A 1 3  ? 2.171   6.181   9.482   1.00 51.77 ? 3   DC  A "C2'" 1 
ATOM   49  C  "C1'" . DC  A 1 3  ? 1.345   7.087   10.371  1.00 52.70 ? 3   DC  A "C1'" 1 
ATOM   50  N  N1    . DC  A 1 3  ? 0.191   7.756   9.699   1.00 48.60 ? 3   DC  A N1    1 
ATOM   51  C  C2    . DC  A 1 3  ? -1.118  7.278   9.900   1.00 45.47 ? 3   DC  A C2    1 
ATOM   52  O  O2    . DC  A 1 3  ? -1.302  6.278   10.603  1.00 48.70 ? 3   DC  A O2    1 
ATOM   53  N  N3    . DC  A 1 3  ? -2.144  7.928   9.314   1.00 43.60 ? 3   DC  A N3    1 
ATOM   54  C  C4    . DC  A 1 3  ? -1.912  9.002   8.560   1.00 43.67 ? 3   DC  A C4    1 
ATOM   55  N  N4    . DC  A 1 3  ? -2.958  9.606   7.998   1.00 40.77 ? 3   DC  A N4    1 
ATOM   56  C  C5    . DC  A 1 3  ? -0.599  9.508   8.351   1.00 44.36 ? 3   DC  A C5    1 
ATOM   57  C  C6    . DC  A 1 3  ? 0.412   8.867   8.940   1.00 49.06 ? 3   DC  A C6    1 
ATOM   58  P  P     . DG  A 1 4  ? 4.601   3.928   11.055  1.00 64.43 ? 4   DG  A P     1 
ATOM   59  O  OP1   . DG  A 1 4  ? 4.685   3.284   12.388  1.00 61.58 ? 4   DG  A OP1   1 
ATOM   60  O  OP2   . DG  A 1 4  ? 5.785   4.520   10.388  1.00 58.87 ? 4   DG  A OP2   1 
ATOM   61  O  "O5'" . DG  A 1 4  ? 3.924   2.891   10.046  1.00 54.39 ? 4   DG  A "O5'" 1 
ATOM   62  C  "C5'" . DG  A 1 4  ? 2.646   2.368   10.360  1.00 53.40 ? 4   DG  A "C5'" 1 
ATOM   63  C  "C4'" . DG  A 1 4  ? 1.936   1.872   9.118   1.00 40.86 ? 4   DG  A "C4'" 1 
ATOM   64  O  "O4'" . DG  A 1 4  ? 1.069   2.901   8.585   1.00 44.25 ? 4   DG  A "O4'" 1 
ATOM   65  C  "C3'" . DG  A 1 4  ? 2.851   1.472   7.965   1.00 48.16 ? 4   DG  A "C3'" 1 
ATOM   66  O  "O3'" . DG  A 1 4  ? 2.331   0.312   7.372   1.00 48.37 ? 4   DG  A "O3'" 1 
ATOM   67  C  "C2'" . DG  A 1 4  ? 2.726   2.659   7.015   1.00 47.46 ? 4   DG  A "C2'" 1 
ATOM   68  C  "C1'" . DG  A 1 4  ? 1.257   2.957   7.196   1.00 41.97 ? 4   DG  A "C1'" 1 
ATOM   69  N  N9    . DG  A 1 4  ? 0.849   4.261   6.722   1.00 41.39 ? 4   DG  A N9    1 
ATOM   70  C  C8    . DG  A 1 4  ? 1.640   5.212   6.140   1.00 39.07 ? 4   DG  A C8    1 
ATOM   71  N  N7    . DG  A 1 4  ? 0.990   6.287   5.806   1.00 39.52 ? 4   DG  A N7    1 
ATOM   72  C  C5    . DG  A 1 4  ? -0.321  6.031   6.198   1.00 41.14 ? 4   DG  A C5    1 
ATOM   73  C  C6    . DG  A 1 4  ? -1.486  6.834   6.087   1.00 38.34 ? 4   DG  A C6    1 
ATOM   74  O  O6    . DG  A 1 4  ? -1.599  7.973   5.609   1.00 43.68 ? 4   DG  A O6    1 
ATOM   75  N  N1    . DG  A 1 4  ? -2.604  6.190   6.598   1.00 39.34 ? 4   DG  A N1    1 
ATOM   76  C  C2    . DG  A 1 4  ? -2.604  4.935   7.149   1.00 38.70 ? 4   DG  A C2    1 
ATOM   77  N  N2    . DG  A 1 4  ? -3.784  4.486   7.587   1.00 41.35 ? 4   DG  A N2    1 
ATOM   78  N  N3    . DG  A 1 4  ? -1.523  4.169   7.251   1.00 40.26 ? 4   DG  A N3    1 
ATOM   79  C  C4    . DG  A 1 4  ? -0.423  4.784   6.756   1.00 40.73 ? 4   DG  A C4    1 
ATOM   80  P  P     . DA  A 1 5  ? 3.280   -0.941  7.078   1.00 52.15 ? 5   DA  A P     1 
ATOM   81  O  OP1   . DA  A 1 5  ? 3.479   -1.653  8.361   1.00 50.41 ? 5   DA  A OP1   1 
ATOM   82  O  OP2   . DA  A 1 5  ? 4.421   -0.443  6.275   1.00 47.92 ? 5   DA  A OP2   1 
ATOM   83  O  "O5'" . DA  A 1 5  ? 2.345   -1.898  6.226   1.00 44.40 ? 5   DA  A "O5'" 1 
ATOM   84  C  "C5'" . DA  A 1 5  ? 1.339   -2.629  6.898   1.00 42.34 ? 5   DA  A "C5'" 1 
ATOM   85  C  "C4'" . DA  A 1 5  ? 0.038   -2.537  6.144   1.00 42.89 ? 5   DA  A "C4'" 1 
ATOM   86  O  "O4'" . DA  A 1 5  ? -0.464  -1.193  6.218   1.00 47.16 ? 5   DA  A "O4'" 1 
ATOM   87  C  "C3'" . DA  A 1 5  ? 0.161   -2.820  4.673   1.00 41.84 ? 5   DA  A "C3'" 1 
ATOM   88  O  "O3'" . DA  A 1 5  ? 0.081   -4.220  4.492   1.00 42.70 ? 5   DA  A "O3'" 1 
ATOM   89  C  "C2'" . DA  A 1 5  ? -1.057  -2.088  4.104   1.00 42.00 ? 5   DA  A "C2'" 1 
ATOM   90  C  "C1'" . DA  A 1 5  ? -1.226  -0.903  5.065   1.00 43.25 ? 5   DA  A "C1'" 1 
ATOM   91  N  N9    . DA  A 1 5  ? -0.753  0.360   4.524   1.00 41.48 ? 5   DA  A N9    1 
ATOM   92  C  C8    . DA  A 1 5  ? 0.490   0.621   4.040   1.00 41.75 ? 5   DA  A C8    1 
ATOM   93  N  N7    . DA  A 1 5  ? 0.646   1.853   3.623   1.00 44.04 ? 5   DA  A N7    1 
ATOM   94  C  C5    . DA  A 1 5  ? -0.584  2.449   3.858   1.00 37.75 ? 5   DA  A C5    1 
ATOM   95  C  C6    . DA  A 1 5  ? -1.065  3.755   3.621   1.00 40.16 ? 5   DA  A C6    1 
ATOM   96  N  N6    . DA  A 1 5  ? -0.313  4.715   3.076   1.00 40.20 ? 5   DA  A N6    1 
ATOM   97  N  N1    . DA  A 1 5  ? -2.351  4.038   3.981   1.00 35.09 ? 5   DA  A N1    1 
ATOM   98  C  C2    . DA  A 1 5  ? -3.087  3.061   4.521   1.00 33.69 ? 5   DA  A C2    1 
ATOM   99  N  N3    . DA  A 1 5  ? -2.738  1.789   4.777   1.00 39.91 ? 5   DA  A N3    1 
ATOM   100 C  C4    . DA  A 1 5  ? -1.459  1.551   4.425   1.00 39.49 ? 5   DA  A C4    1 
HETATM 101 P  P     . S6G A 1 6  ? 0.566   -4.908  3.130   1.00 44.06 ? 6   S6G A P     1 
HETATM 102 O  OP1   . S6G A 1 6  ? 1.238   -6.222  3.290   1.00 45.84 ? 6   S6G A OP1   1 
HETATM 103 O  OP2   . S6G A 1 6  ? 1.093   -3.962  2.091   1.00 50.68 ? 6   S6G A OP2   1 
HETATM 104 O  "O5'" . S6G A 1 6  ? -0.916  -5.541  2.474   1.00 46.75 ? 6   S6G A "O5'" 1 
HETATM 105 C  "C5'" . S6G A 1 6  ? -1.849  -4.758  2.001   1.00 37.02 ? 6   S6G A "C5'" 1 
HETATM 106 C  "C4'" . S6G A 1 6  ? -2.490  -5.690  0.937   1.00 38.70 ? 6   S6G A "C4'" 1 
HETATM 107 O  "O4'" . S6G A 1 6  ? -2.680  -4.928  -0.207  1.00 37.40 ? 6   S6G A "O4'" 1 
HETATM 108 C  "C3'" . S6G A 1 6  ? -1.513  -6.830  0.464   1.00 41.65 ? 6   S6G A "C3'" 1 
HETATM 109 O  "O3'" . S6G A 1 6  ? -2.201  -7.678  -0.391  1.00 46.62 ? 6   S6G A "O3'" 1 
HETATM 110 C  "C2'" . S6G A 1 6  ? -0.538  -6.001  -0.360  1.00 41.28 ? 6   S6G A "C2'" 1 
HETATM 111 C  "C1'" . S6G A 1 6  ? -1.550  -5.107  -1.073  1.00 41.97 ? 6   S6G A "C1'" 1 
HETATM 112 N  N9    . S6G A 1 6  ? -1.046  -3.767  -1.317  1.00 35.50 ? 6   S6G A N9    1 
HETATM 113 C  C8    . S6G A 1 6  ? -0.229  -2.992  -0.522  1.00 34.92 ? 6   S6G A C8    1 
HETATM 114 N  N7    . S6G A 1 6  ? 0.010   -1.786  -1.043  1.00 36.96 ? 6   S6G A N7    1 
HETATM 115 C  C5    . S6G A 1 6  ? -0.705  -1.773  -2.247  1.00 40.42 ? 6   S6G A C5    1 
HETATM 116 C  C6    . S6G A 1 6  ? -0.791  -0.734  -3.175  1.00 40.42 ? 6   S6G A C6    1 
HETATM 117 S  S6    . S6G A 1 6  ? -0.122  0.737   -3.102  1.00 38.50 ? 6   S6G A S6    1 
HETATM 118 N  N1    . S6G A 1 6  ? -1.574  -1.080  -4.255  1.00 37.54 ? 6   S6G A N1    1 
HETATM 119 C  C2    . S6G A 1 6  ? -2.209  -2.316  -4.354  1.00 38.22 ? 6   S6G A C2    1 
HETATM 120 N  N2    . S6G A 1 6  ? -2.983  -2.543  -5.468  1.00 35.76 ? 6   S6G A N2    1 
HETATM 121 N  N3    . S6G A 1 6  ? -2.152  -3.331  -3.467  1.00 39.79 ? 6   S6G A N3    1 
HETATM 122 C  C4    . S6G A 1 6  ? -1.373  -2.999  -2.420  1.00 32.50 ? 6   S6G A C4    1 
HETATM 123 P  P     . S6G A 1 7  ? -3.224  -8.775  0.182   1.00 51.05 ? 7   S6G A P     1 
HETATM 124 O  OP1   . S6G A 1 7  ? -3.197  -8.879  1.671   1.00 48.05 ? 7   S6G A OP1   1 
HETATM 125 O  OP2   . S6G A 1 7  ? -3.339  -10.034 -0.653  1.00 49.23 ? 7   S6G A OP2   1 
HETATM 126 O  "O5'" . S6G A 1 7  ? -4.823  -8.062  -0.028  1.00 46.19 ? 7   S6G A "O5'" 1 
HETATM 127 C  "C5'" . S6G A 1 7  ? -5.814  -8.835  -0.453  1.00 45.20 ? 7   S6G A "C5'" 1 
HETATM 128 C  "C4'" . S6G A 1 7  ? -6.656  -7.911  -1.328  1.00 42.78 ? 7   S6G A "C4'" 1 
HETATM 129 O  "O4'" . S6G A 1 7  ? -6.957  -6.718  -0.592  1.00 44.31 ? 7   S6G A "O4'" 1 
HETATM 130 C  "C3'" . S6G A 1 7  ? -5.879  -7.459  -2.587  1.00 45.02 ? 7   S6G A "C3'" 1 
HETATM 131 O  "O3'" . S6G A 1 7  ? -6.779  -7.389  -3.624  1.00 39.92 ? 7   S6G A "O3'" 1 
HETATM 132 C  "C2'" . S6G A 1 7  ? -5.402  -6.067  -2.198  1.00 40.84 ? 7   S6G A "C2'" 1 
HETATM 133 C  "C1'" . S6G A 1 7  ? -6.507  -5.597  -1.285  1.00 41.76 ? 7   S6G A "C1'" 1 
HETATM 134 N  N9    . S6G A 1 7  ? -5.890  -4.611  -0.323  1.00 35.99 ? 7   S6G A N9    1 
HETATM 135 C  C8    . S6G A 1 7  ? -5.670  -4.726  1.039   1.00 40.97 ? 7   S6G A C8    1 
HETATM 136 N  N7    . S6G A 1 7  ? -5.063  -3.646  1.558   1.00 35.54 ? 7   S6G A N7    1 
HETATM 137 C  C5    . S6G A 1 7  ? -4.892  -2.791  0.463   1.00 35.45 ? 7   S6G A C5    1 
HETATM 138 C  C6    . S6G A 1 7  ? -4.312  -1.503  0.428   1.00 36.46 ? 7   S6G A C6    1 
HETATM 139 S  S6    . S6G A 1 7  ? -3.683  -0.667  1.636   1.00 43.38 ? 7   S6G A S6    1 
HETATM 140 N  N1    . S6G A 1 7  ? -4.297  -0.947  -0.865  1.00 37.35 ? 7   S6G A N1    1 
HETATM 141 C  C2    . S6G A 1 7  ? -4.828  -1.639  -1.971  1.00 39.02 ? 7   S6G A C2    1 
HETATM 142 N  N2    . S6G A 1 7  ? -4.781  -1.021  -3.216  1.00 38.50 ? 7   S6G A N2    1 
HETATM 143 N  N3    . S6G A 1 7  ? -5.395  -2.847  -1.959  1.00 36.00 ? 7   S6G A N3    1 
HETATM 144 C  C4    . S6G A 1 7  ? -5.393  -3.399  -0.697  1.00 34.12 ? 7   S6G A C4    1 
HETATM 145 N  N1    . BRU A 1 8  ? -2.491  -5.564  -6.799  1.00 41.08 ? 8   BRU A N1    1 
HETATM 146 C  C2    . BRU A 1 8  ? -1.307  -4.756  -6.821  1.00 38.65 ? 8   BRU A C2    1 
HETATM 147 N  N3    . BRU A 1 8  ? -0.339  -5.046  -5.834  1.00 38.03 ? 8   BRU A N3    1 
HETATM 148 C  C4    . BRU A 1 8  ? -0.494  -6.029  -4.847  1.00 42.75 ? 8   BRU A C4    1 
HETATM 149 C  C5    . BRU A 1 8  ? -1.720  -6.751  -4.937  1.00 39.12 ? 8   BRU A C5    1 
HETATM 150 C  C6    . BRU A 1 8  ? -2.680  -6.521  -5.846  1.00 42.32 ? 8   BRU A C6    1 
HETATM 151 O  O2    . BRU A 1 8  ? -1.083  -3.881  -7.634  1.00 39.10 ? 8   BRU A O2    1 
HETATM 152 O  O4    . BRU A 1 8  ? 0.395   -6.206  -4.017  1.00 33.18 ? 8   BRU A O4    1 
HETATM 153 BR BR    . BRU A 1 8  ? -1.927  -8.089  -3.610  1.00 54.17 ? 8   BRU A BR    1 
HETATM 154 C  "C1'" . BRU A 1 8  ? -3.559  -5.244  -7.768  1.00 45.37 ? 8   BRU A "C1'" 1 
HETATM 155 C  "C2'" . BRU A 1 8  ? -4.094  -6.455  -8.537  1.00 42.90 ? 8   BRU A "C2'" 1 
HETATM 156 C  "C3'" . BRU A 1 8  ? -5.601  -6.083  -8.686  1.00 43.34 ? 8   BRU A "C3'" 1 
HETATM 157 C  "C4'" . BRU A 1 8  ? -5.925  -5.263  -7.435  1.00 43.27 ? 8   BRU A "C4'" 1 
HETATM 158 O  "O3'" . BRU A 1 8  ? -5.806  -5.230  -9.737  1.00 47.01 ? 8   BRU A "O3'" 1 
HETATM 159 O  "O4'" . BRU A 1 8  ? -4.647  -4.741  -6.981  1.00 48.06 ? 8   BRU A "O4'" 1 
HETATM 160 C  "C5'" . BRU A 1 8  ? -6.581  -6.152  -6.365  1.00 45.32 ? 8   BRU A "C5'" 1 
HETATM 161 O  "O5'" . BRU A 1 8  ? -5.836  -7.255  -6.147  1.00 47.56 ? 8   BRU A "O5'" 1 
HETATM 162 P  P     . BRU A 1 8  ? -6.590  -8.336  -4.903  1.00 44.53 ? 8   BRU A P     1 
HETATM 163 O  OP1   . BRU A 1 8  ? -7.954  -8.604  -5.527  1.00 47.84 ? 8   BRU A OP1   1 
HETATM 164 O  OP2   . BRU A 1 8  ? -5.638  -9.462  -4.634  1.00 46.35 ? 8   BRU A OP2   1 
ATOM   165 P  P     . DC  A 1 9  ? -6.213  -5.801  -11.181 1.00 49.59 ? 9   DC  A P     1 
ATOM   166 O  OP1   . DC  A 1 9  ? -7.234  -4.909  -11.749 1.00 46.34 ? 9   DC  A OP1   1 
ATOM   167 O  OP2   . DC  A 1 9  ? -6.518  -7.243  -11.033 1.00 49.52 ? 9   DC  A OP2   1 
ATOM   168 O  "O5'" . DC  A 1 9  ? -4.877  -5.597  -12.012 1.00 46.83 ? 9   DC  A "O5'" 1 
ATOM   169 C  "C5'" . DC  A 1 9  ? -4.058  -4.472  -11.753 1.00 47.87 ? 9   DC  A "C5'" 1 
ATOM   170 C  "C4'" . DC  A 1 9  ? -2.755  -4.573  -12.520 1.00 49.05 ? 9   DC  A "C4'" 1 
ATOM   171 O  "O4'" . DC  A 1 9  ? -1.642  -4.673  -11.593 1.00 52.15 ? 9   DC  A "O4'" 1 
ATOM   172 C  "C3'" . DC  A 1 9  ? -2.634  -5.800  -13.408 1.00 53.79 ? 9   DC  A "C3'" 1 
ATOM   173 O  "O3'" . DC  A 1 9  ? -1.721  -5.506  -14.425 1.00 56.69 ? 9   DC  A "O3'" 1 
ATOM   174 C  "C2'" . DC  A 1 9  ? -2.034  -6.807  -12.431 1.00 50.49 ? 9   DC  A "C2'" 1 
ATOM   175 C  "C1'" . DC  A 1 9  ? -0.990  -5.917  -11.778 1.00 48.36 ? 9   DC  A "C1'" 1 
ATOM   176 N  N1    . DC  A 1 9  ? -0.483  -6.406  -10.448 1.00 40.39 ? 9   DC  A N1    1 
ATOM   177 C  C2    . DC  A 1 9  ? 0.592   -5.757  -9.842  1.00 38.98 ? 9   DC  A C2    1 
ATOM   178 O  O2    . DC  A 1 9  ? 1.111   -4.799  -10.407 1.00 41.05 ? 9   DC  A O2    1 
ATOM   179 N  N3    . DC  A 1 9  ? 1.033   -6.192  -8.637  1.00 42.61 ? 9   DC  A N3    1 
ATOM   180 C  C4    . DC  A 1 9  ? 0.447   -7.228  -8.045  1.00 41.91 ? 9   DC  A C4    1 
ATOM   181 N  N4    . DC  A 1 9  ? 0.929   -7.623  -6.854  1.00 39.64 ? 9   DC  A N4    1 
ATOM   182 C  C5    . DC  A 1 9  ? -0.652  -7.915  -8.653  1.00 43.05 ? 9   DC  A C5    1 
ATOM   183 C  C6    . DC  A 1 9  ? -1.078  -7.472  -9.843  1.00 41.66 ? 9   DC  A C6    1 
ATOM   184 P  P     . DG  A 1 10 ? -2.108  -5.660  -15.968 1.00 61.95 ? 10  DG  A P     1 
ATOM   185 O  OP1   . DG  A 1 10 ? -3.205  -4.711  -16.255 1.00 58.66 ? 10  DG  A OP1   1 
ATOM   186 O  OP2   . DG  A 1 10 ? -2.312  -7.097  -16.239 1.00 56.43 ? 10  DG  A OP2   1 
ATOM   187 O  "O5'" . DG  A 1 10 ? -0.783  -5.142  -16.695 1.00 57.08 ? 10  DG  A "O5'" 1 
ATOM   188 C  "C5'" . DG  A 1 10 ? -0.173  -3.934  -16.222 1.00 53.94 ? 10  DG  A "C5'" 1 
ATOM   189 C  "C4'" . DG  A 1 10 ? 1.333   -4.080  -16.107 1.00 56.22 ? 10  DG  A "C4'" 1 
ATOM   190 O  "O4'" . DG  A 1 10 ? 1.696   -4.613  -14.798 1.00 57.76 ? 10  DG  A "O4'" 1 
ATOM   191 C  "C3'" . DG  A 1 10 ? 1.989   -5.016  -17.125 1.00 61.04 ? 10  DG  A "C3'" 1 
ATOM   192 O  "O3'" . DG  A 1 10 ? 3.257   -4.511  -17.458 1.00 60.59 ? 10  DG  A "O3'" 1 
ATOM   193 C  "C2'" . DG  A 1 10 ? 2.128   -6.310  -16.335 1.00 53.89 ? 10  DG  A "C2'" 1 
ATOM   194 C  "C1'" . DG  A 1 10 ? 2.525   -5.746  -14.977 1.00 53.25 ? 10  DG  A "C1'" 1 
ATOM   195 N  N9    . DG  A 1 10 ? 2.310   -6.668  -13.871 1.00 45.26 ? 10  DG  A N9    1 
ATOM   196 C  C8    . DG  A 1 10 ? 1.368   -7.659  -13.792 1.00 44.24 ? 10  DG  A C8    1 
ATOM   197 N  N7    . DG  A 1 10 ? 1.412   -8.326  -12.677 1.00 46.16 ? 10  DG  A N7    1 
ATOM   198 C  C5    . DG  A 1 10 ? 2.458   -7.744  -11.979 1.00 41.57 ? 10  DG  A C5    1 
ATOM   199 C  C6    . DG  A 1 10 ? 2.976   -8.042  -10.707 1.00 42.61 ? 10  DG  A C6    1 
ATOM   200 O  O6    . DG  A 1 10 ? 2.611   -8.920  -9.915  1.00 50.80 ? 10  DG  A O6    1 
ATOM   201 N  N1    . DG  A 1 10 ? 4.036   -7.209  -10.376 1.00 43.48 ? 10  DG  A N1    1 
ATOM   202 C  C2    . DG  A 1 10 ? 4.525   -6.210  -11.178 1.00 41.51 ? 10  DG  A C2    1 
ATOM   203 N  N2    . DG  A 1 10 ? 5.555   -5.507  -10.690 1.00 51.82 ? 10  DG  A N2    1 
ATOM   204 N  N3    . DG  A 1 10 ? 4.046   -5.919  -12.368 1.00 47.48 ? 10  DG  A N3    1 
ATOM   205 C  C4    . DG  A 1 10 ? 3.014   -6.720  -12.701 1.00 44.47 ? 10  DG  A C4    1 
ATOM   206 P  P     . DC  A 1 11 ? 3.781   -4.634  -18.957 1.00 64.30 ? 11  DC  A P     1 
ATOM   207 O  OP1   . DC  A 1 11 ? 3.224   -3.478  -19.691 1.00 68.01 ? 11  DC  A OP1   1 
ATOM   208 O  OP2   . DC  A 1 11 ? 3.521   -6.023  -19.403 1.00 59.13 ? 11  DC  A OP2   1 
ATOM   209 O  "O5'" . DC  A 1 11 ? 5.357   -4.471  -18.825 1.00 62.85 ? 11  DC  A "O5'" 1 
ATOM   210 C  "C5'" . DC  A 1 11 ? 5.897   -3.403  -18.102 1.00 60.50 ? 11  DC  A "C5'" 1 
ATOM   211 C  "C4'" . DC  A 1 11 ? 7.078   -3.884  -17.301 1.00 60.17 ? 11  DC  A "C4'" 1 
ATOM   212 O  "O4'" . DC  A 1 11 ? 6.588   -4.505  -16.110 1.00 57.39 ? 11  DC  A "O4'" 1 
ATOM   213 C  "C3'" . DC  A 1 11 ? 7.904   -4.966  -17.988 1.00 64.37 ? 11  DC  A "C3'" 1 
ATOM   214 O  "O3'" . DC  A 1 11 ? 8.933   -4.359  -18.854 1.00 68.37 ? 11  DC  A "O3'" 1 
ATOM   215 C  "C2'" . DC  A 1 11 ? 8.470   -5.789  -16.816 1.00 59.06 ? 11  DC  A "C2'" 1 
ATOM   216 C  "C1'" . DC  A 1 11 ? 7.531   -5.448  -15.644 1.00 57.74 ? 11  DC  A "C1'" 1 
ATOM   217 N  N1    . DC  A 1 11 ? 6.776   -6.610  -15.102 1.00 46.85 ? 11  DC  A N1    1 
ATOM   218 C  C2    . DC  A 1 11 ? 7.042   -7.072  -13.810 1.00 47.38 ? 11  DC  A C2    1 
ATOM   219 O  O2    . DC  A 1 11 ? 7.929   -6.530  -13.141 1.00 51.23 ? 11  DC  A O2    1 
ATOM   220 N  N3    . DC  A 1 11 ? 6.327   -8.109  -13.325 1.00 45.03 ? 11  DC  A N3    1 
ATOM   221 C  C4    . DC  A 1 11 ? 5.388   -8.674  -14.070 1.00 46.92 ? 11  DC  A C4    1 
ATOM   222 N  N4    . DC  A 1 11 ? 4.715   -9.699  -13.545 1.00 47.51 ? 11  DC  A N4    1 
ATOM   223 C  C5    . DC  A 1 11 ? 5.089   -8.210  -15.384 1.00 48.28 ? 11  DC  A C5    1 
ATOM   224 C  C6    . DC  A 1 11 ? 5.796   -7.178  -15.851 1.00 50.53 ? 11  DC  A C6    1 
ATOM   225 P  P     . DG  A 1 12 ? 10.502  -4.293  -18.463 1.00 68.78 ? 12  DG  A P     1 
ATOM   226 O  OP1   . DG  A 1 12 ? 10.718  -3.887  -17.055 1.00 68.83 ? 12  DG  A OP1   1 
ATOM   227 O  OP2   . DG  A 1 12 ? 11.112  -3.442  -19.503 1.00 66.37 ? 12  DG  A OP2   1 
ATOM   228 O  "O5'" . DG  A 1 12 ? 11.013  -5.785  -18.731 1.00 68.90 ? 12  DG  A "O5'" 1 
ATOM   229 C  "C5'" . DG  A 1 12 ? 11.795  -6.493  -17.764 1.00 58.84 ? 12  DG  A "C5'" 1 
ATOM   230 C  "C4'" . DG  A 1 12 ? 11.727  -7.994  -18.021 1.00 59.91 ? 12  DG  A "C4'" 1 
ATOM   231 O  "O4'" . DG  A 1 12 ? 10.411  -8.335  -18.543 1.00 66.07 ? 12  DG  A "O4'" 1 
ATOM   232 C  "C3'" . DG  A 1 12 ? 12.689  -8.506  -19.076 1.00 59.85 ? 12  DG  A "C3'" 1 
ATOM   233 O  "O3'" . DG  A 1 12 ? 12.880  -9.901  -18.910 1.00 65.81 ? 12  DG  A "O3'" 1 
ATOM   234 C  "C2'" . DG  A 1 12 ? 11.913  -8.222  -20.348 1.00 60.64 ? 12  DG  A "C2'" 1 
ATOM   235 C  "C1'" . DG  A 1 12 ? 10.507  -8.622  -19.925 1.00 54.45 ? 12  DG  A "C1'" 1 
ATOM   236 N  N9    . DG  A 1 12 ? 9.467   -7.889  -20.636 1.00 62.97 ? 12  DG  A N9    1 
ATOM   237 C  C8    . DG  A 1 12 ? 9.646   -7.046  -21.704 1.00 64.82 ? 12  DG  A C8    1 
ATOM   238 N  N7    . DG  A 1 12 ? 8.534   -6.530  -22.155 1.00 71.81 ? 12  DG  A N7    1 
ATOM   239 C  C5    . DG  A 1 12 ? 7.550   -7.066  -21.330 1.00 66.59 ? 12  DG  A C5    1 
ATOM   240 C  C6    . DG  A 1 12 ? 6.142   -6.876  -21.345 1.00 65.78 ? 12  DG  A C6    1 
ATOM   241 O  O6    . DG  A 1 12 ? 5.467   -6.167  -22.111 1.00 57.02 ? 12  DG  A O6    1 
ATOM   242 N  N1    . DG  A 1 12 ? 5.515   -7.613  -20.338 1.00 63.73 ? 12  DG  A N1    1 
ATOM   243 C  C2    . DG  A 1 12 ? 6.162   -8.428  -19.436 1.00 60.09 ? 12  DG  A C2    1 
ATOM   244 N  N2    . DG  A 1 12 ? 5.387   -9.056  -18.537 1.00 54.96 ? 12  DG  A N2    1 
ATOM   245 N  N3    . DG  A 1 12 ? 7.481   -8.619  -19.416 1.00 61.59 ? 12  DG  A N3    1 
ATOM   246 C  C4    . DG  A 1 12 ? 8.108   -7.910  -20.391 1.00 63.33 ? 12  DG  A C4    1 
ATOM   247 O  "O5'" . DC  B 1 1  ? 9.853   -14.570 -0.475  1.00 54.26 ? 1   DC  B "O5'" 1 
ATOM   248 C  "C5'" . DC  B 1 1  ? 10.695  -15.310 -1.336  1.00 53.99 ? 1   DC  B "C5'" 1 
ATOM   249 C  "C4'" . DC  B 1 1  ? 9.877   -16.260 -2.192  1.00 54.19 ? 1   DC  B "C4'" 1 
ATOM   250 O  "O4'" . DC  B 1 1  ? 9.733   -17.514 -1.515  1.00 51.44 ? 1   DC  B "O4'" 1 
ATOM   251 C  "C3'" . DC  B 1 1  ? 8.458   -15.812 -2.426  1.00 50.65 ? 1   DC  B "C3'" 1 
ATOM   252 O  "O3'" . DC  B 1 1  ? 8.426   -14.908 -3.500  1.00 56.99 ? 1   DC  B "O3'" 1 
ATOM   253 C  "C2'" . DC  B 1 1  ? 7.723   -17.112 -2.726  1.00 51.59 ? 1   DC  B "C2'" 1 
ATOM   254 C  "C1'" . DC  B 1 1  ? 8.543   -18.145 -1.952  1.00 47.26 ? 1   DC  B "C1'" 1 
ATOM   255 N  N1    . DC  B 1 1  ? 7.862   -18.718 -0.762  1.00 41.74 ? 1   DC  B N1    1 
ATOM   256 C  C2    . DC  B 1 1  ? 6.984   -19.788 -0.925  1.00 41.66 ? 1   DC  B C2    1 
ATOM   257 O  O2    . DC  B 1 1  ? 6.762   -20.210 -2.058  1.00 43.34 ? 1   DC  B O2    1 
ATOM   258 N  N3    . DC  B 1 1  ? 6.397   -20.331 0.166   1.00 39.26 ? 1   DC  B N3    1 
ATOM   259 C  C4    . DC  B 1 1  ? 6.664   -19.844 1.379   1.00 42.71 ? 1   DC  B C4    1 
ATOM   260 N  N4    . DC  B 1 1  ? 6.054   -20.408 2.428   1.00 39.57 ? 1   DC  B N4    1 
ATOM   261 C  C5    . DC  B 1 1  ? 7.569   -18.757 1.568   1.00 44.78 ? 1   DC  B C5    1 
ATOM   262 C  C6    . DC  B 1 1  ? 8.146   -18.234 0.481   1.00 45.38 ? 1   DC  B C6    1 
ATOM   263 P  P     . DG  B 1 2  ? 8.379   -15.373 -5.039  1.00 53.62 ? 2   DG  B P     1 
ATOM   264 O  OP1   . DG  B 1 2  ? 6.958   -15.477 -5.420  1.00 45.54 ? 2   DG  B OP1   1 
ATOM   265 O  OP2   . DG  B 1 2  ? 9.246   -16.541 -5.299  1.00 57.86 ? 2   DG  B OP2   1 
ATOM   266 O  "O5'" . DG  B 1 2  ? 9.063   -14.120 -5.748  1.00 52.22 ? 2   DG  B "O5'" 1 
ATOM   267 C  "C5'" . DG  B 1 2  ? 10.407  -13.787 -5.373  1.00 46.33 ? 2   DG  B "C5'" 1 
ATOM   268 C  "C4'" . DG  B 1 2  ? 10.644  -12.290 -5.333  1.00 45.22 ? 2   DG  B "C4'" 1 
ATOM   269 O  "O4'" . DG  B 1 2  ? 10.099  -11.651 -6.512  1.00 50.70 ? 2   DG  B "O4'" 1 
ATOM   270 C  "C3'" . DG  B 1 2  ? 10.059  -11.550 -4.137  1.00 51.06 ? 2   DG  B "C3'" 1 
ATOM   271 O  "O3'" . DG  B 1 2  ? 10.991  -10.580 -3.751  1.00 54.37 ? 2   DG  B "O3'" 1 
ATOM   272 C  "C2'" . DG  B 1 2  ? 8.763   -10.934 -4.691  1.00 51.19 ? 2   DG  B "C2'" 1 
ATOM   273 C  "C1'" . DG  B 1 2  ? 9.108   -10.697 -6.160  1.00 48.69 ? 2   DG  B "C1'" 1 
ATOM   274 N  N9    . DG  B 1 2  ? 8.016   -10.914 -7.092  1.00 43.73 ? 2   DG  B N9    1 
ATOM   275 C  C8    . DG  B 1 2  ? 7.111   -11.939 -7.077  1.00 41.14 ? 2   DG  B C8    1 
ATOM   276 N  N7    . DG  B 1 2  ? 6.290   -11.917 -8.088  1.00 46.37 ? 2   DG  B N7    1 
ATOM   277 C  C5    . DG  B 1 2  ? 6.699   -10.825 -8.838  1.00 42.83 ? 2   DG  B C5    1 
ATOM   278 C  C6    . DG  B 1 2  ? 6.196   -10.315 -10.052 1.00 37.37 ? 2   DG  B C6    1 
ATOM   279 O  O6    . DG  B 1 2  ? 5.243   -10.719 -10.715 1.00 41.29 ? 2   DG  B O6    1 
ATOM   280 N  N1    . DG  B 1 2  ? 6.896   -9.195  -10.470 1.00 43.92 ? 2   DG  B N1    1 
ATOM   281 C  C2    . DG  B 1 2  ? 7.955   -8.638  -9.799  1.00 44.13 ? 2   DG  B C2    1 
ATOM   282 N  N2    . DG  B 1 2  ? 8.513   -7.559  -10.365 1.00 50.25 ? 2   DG  B N2    1 
ATOM   283 N  N3    . DG  B 1 2  ? 8.446   -9.113  -8.668  1.00 46.05 ? 2   DG  B N3    1 
ATOM   284 C  C4    . DG  B 1 2  ? 7.769   -10.207 -8.248  1.00 44.22 ? 2   DG  B C4    1 
ATOM   285 P  P     . DC  B 1 3  ? 10.677  -9.535  -2.592  1.00 59.08 ? 3   DC  B P     1 
ATOM   286 O  OP1   . DC  B 1 3  ? 11.971  -9.239  -1.953  1.00 58.92 ? 3   DC  B OP1   1 
ATOM   287 O  OP2   . DC  B 1 3  ? 9.516   -10.020 -1.801  1.00 53.76 ? 3   DC  B OP2   1 
ATOM   288 O  "O5'" . DC  B 1 3  ? 10.242  -8.247  -3.402  1.00 56.53 ? 3   DC  B "O5'" 1 
ATOM   289 C  "C5'" . DC  B 1 3  ? 10.983  -7.863  -4.531  1.00 53.29 ? 3   DC  B "C5'" 1 
ATOM   290 C  "C4'" . DC  B 1 3  ? 10.372  -6.635  -5.143  1.00 52.29 ? 3   DC  B "C4'" 1 
ATOM   291 O  "O4'" . DC  B 1 3  ? 9.319   -7.025  -6.057  1.00 54.95 ? 3   DC  B "O4'" 1 
ATOM   292 C  "C3'" . DC  B 1 3  ? 9.729   -5.685  -4.132  1.00 57.00 ? 3   DC  B "C3'" 1 
ATOM   293 O  "O3'" . DC  B 1 3  ? 10.053  -4.362  -4.474  1.00 59.30 ? 3   DC  B "O3'" 1 
ATOM   294 C  "C2'" . DC  B 1 3  ? 8.227   -5.960  -4.296  1.00 54.67 ? 3   DC  B "C2'" 1 
ATOM   295 C  "C1'" . DC  B 1 3  ? 8.143   -6.291  -5.772  1.00 51.58 ? 3   DC  B "C1'" 1 
ATOM   296 N  N1    . DC  B 1 3  ? 6.958   -7.131  -6.155  1.00 44.43 ? 3   DC  B N1    1 
ATOM   297 C  C2    . DC  B 1 3  ? 6.373   -6.950  -7.402  1.00 42.61 ? 3   DC  B C2    1 
ATOM   298 O  O2    . DC  B 1 3  ? 6.827   -6.084  -8.153  1.00 47.48 ? 3   DC  B O2    1 
ATOM   299 N  N3    . DC  B 1 3  ? 5.317   -7.719  -7.750  1.00 44.95 ? 3   DC  B N3    1 
ATOM   300 C  C4    . DC  B 1 3  ? 4.854   -8.637  -6.900  1.00 42.05 ? 3   DC  B C4    1 
ATOM   301 N  N4    . DC  B 1 3  ? 3.806   -9.366  -7.285  1.00 44.11 ? 3   DC  B N4    1 
ATOM   302 C  C5    . DC  B 1 3  ? 5.439   -8.842  -5.619  1.00 39.05 ? 3   DC  B C5    1 
ATOM   303 C  C6    . DC  B 1 3  ? 6.482   -8.077  -5.293  1.00 45.50 ? 3   DC  B C6    1 
ATOM   304 P  P     . DG  B 1 4  ? 10.668  -3.356  -3.387  1.00 62.42 ? 4   DG  B P     1 
ATOM   305 O  OP1   . DG  B 1 4  ? 12.115  -3.256  -3.687  1.00 60.38 ? 4   DG  B OP1   1 
ATOM   306 O  OP2   . DG  B 1 4  ? 10.212  -3.778  -2.044  1.00 58.92 ? 4   DG  B OP2   1 
ATOM   307 O  "O5'" . DG  B 1 4  ? 9.970   -1.973  -3.761  1.00 56.42 ? 4   DG  B "O5'" 1 
ATOM   308 C  "C5'" . DG  B 1 4  ? 9.956   -1.537  -5.128  1.00 54.11 ? 4   DG  B "C5'" 1 
ATOM   309 C  "C4'" . DG  B 1 4  ? 8.601   -0.977  -5.511  1.00 54.24 ? 4   DG  B "C4'" 1 
ATOM   310 O  "O4'" . DG  B 1 4  ? 7.746   -2.038  -5.958  1.00 54.10 ? 4   DG  B "O4'" 1 
ATOM   311 C  "C3'" . DG  B 1 4  ? 7.844   -0.312  -4.371  1.00 56.24 ? 4   DG  B "C3'" 1 
ATOM   312 O  "O3'" . DG  B 1 4  ? 8.166   1.088   -4.340  1.00 56.28 ? 4   DG  B "O3'" 1 
ATOM   313 C  "C2'" . DG  B 1 4  ? 6.357   -0.560  -4.717  1.00 52.51 ? 4   DG  B "C2'" 1 
ATOM   314 C  "C1'" . DG  B 1 4  ? 6.399   -1.629  -5.826  1.00 53.23 ? 4   DG  B "C1'" 1 
ATOM   315 N  N9    . DG  B 1 4  ? 5.591   -2.820  -5.548  1.00 48.13 ? 4   DG  B N9    1 
ATOM   316 C  C8    . DG  B 1 4  ? 5.576   -3.562  -4.383  1.00 46.50 ? 4   DG  B C8    1 
ATOM   317 N  N7    . DG  B 1 4  ? 4.775   -4.593  -4.438  1.00 46.46 ? 4   DG  B N7    1 
ATOM   318 C  C5    . DG  B 1 4  ? 4.225   -4.533  -5.718  1.00 41.95 ? 4   DG  B C5    1 
ATOM   319 C  C6    . DG  B 1 4  ? 3.286   -5.386  -6.353  1.00 40.54 ? 4   DG  B C6    1 
ATOM   320 O  O6    . DG  B 1 4  ? 2.733   -6.393  -5.895  1.00 38.48 ? 4   DG  B O6    1 
ATOM   321 N  N1    . DG  B 1 4  ? 2.998   -4.968  -7.647  1.00 34.61 ? 4   DG  B N1    1 
ATOM   322 C  C2    . DG  B 1 4  ? 3.548   -3.869  -8.260  1.00 40.25 ? 4   DG  B C2    1 
ATOM   323 N  N2    . DG  B 1 4  ? 3.141   -3.618  -9.520  1.00 38.44 ? 4   DG  B N2    1 
ATOM   324 N  N3    . DG  B 1 4  ? 4.422   -3.057  -7.677  1.00 46.25 ? 4   DG  B N3    1 
ATOM   325 C  C4    . DG  B 1 4  ? 4.719   -3.452  -6.412  1.00 43.54 ? 4   DG  B C4    1 
ATOM   326 P  P     . DA  B 1 5  ? 7.973   1.939   -2.995  1.00 59.88 ? 5   DA  B P     1 
ATOM   327 O  OP1   . DA  B 1 5  ? 9.090   2.907   -2.885  1.00 61.44 ? 5   DA  B OP1   1 
ATOM   328 O  OP2   . DA  B 1 5  ? 7.752   0.991   -1.880  1.00 53.25 ? 5   DA  B OP2   1 
ATOM   329 O  "O5'" . DA  B 1 5  ? 6.623   2.748   -3.281  1.00 52.61 ? 5   DA  B "O5'" 1 
ATOM   330 C  "C5'" . DA  B 1 5  ? 6.438   3.387   -4.548  1.00 54.24 ? 5   DA  B "C5'" 1 
ATOM   331 C  "C4'" . DA  B 1 5  ? 4.970   3.464   -4.885  1.00 51.85 ? 5   DA  B "C4'" 1 
ATOM   332 O  "O4'" . DA  B 1 5  ? 4.518   2.170   -5.327  1.00 51.30 ? 5   DA  B "O4'" 1 
ATOM   333 C  "C3'" . DA  B 1 5  ? 4.074   3.788   -3.710  1.00 49.92 ? 5   DA  B "C3'" 1 
ATOM   334 O  "O3'" . DA  B 1 5  ? 3.995   5.176   -3.523  1.00 51.64 ? 5   DA  B "O3'" 1 
ATOM   335 C  "C2'" . DA  B 1 5  ? 2.732   3.217   -4.156  1.00 50.65 ? 5   DA  B "C2'" 1 
ATOM   336 C  "C1'" . DA  B 1 5  ? 3.152   2.002   -4.995  1.00 46.85 ? 5   DA  B "C1'" 1 
ATOM   337 N  N9    . DA  B 1 5  ? 3.004   0.726   -4.301  1.00 42.85 ? 5   DA  B N9    1 
ATOM   338 C  C8    . DA  B 1 5  ? 3.402   0.419   -3.043  1.00 43.36 ? 5   DA  B C8    1 
ATOM   339 N  N7    . DA  B 1 5  ? 3.143   -0.818  -2.691  1.00 44.22 ? 5   DA  B N7    1 
ATOM   340 C  C5    . DA  B 1 5  ? 2.545   -1.365  -3.805  1.00 44.12 ? 5   DA  B C5    1 
ATOM   341 C  C6    . DA  B 1 5  ? 2.034   -2.653  -4.087  1.00 41.42 ? 5   DA  B C6    1 
ATOM   342 N  N6    . DA  B 1 5  ? 2.049   -3.659  -3.213  1.00 38.11 ? 5   DA  B N6    1 
ATOM   343 N  N1    . DA  B 1 5  ? 1.509   -2.866  -5.318  1.00 36.96 ? 5   DA  B N1    1 
ATOM   344 C  C2    . DA  B 1 5  ? 1.478   -1.849  -6.184  1.00 40.94 ? 5   DA  B C2    1 
ATOM   345 N  N3    . DA  B 1 5  ? 1.930   -0.601  -6.029  1.00 41.48 ? 5   DA  B N3    1 
ATOM   346 C  C4    . DA  B 1 5  ? 2.454   -0.425  -4.811  1.00 47.14 ? 5   DA  B C4    1 
HETATM 347 P  P     . S6G B 1 6  ? 3.379   5.737   -2.152  1.00 50.64 ? 6   S6G B P     1 
HETATM 348 O  OP1   . S6G B 1 6  ? 3.503   7.217   -1.992  1.00 49.01 ? 6   S6G B OP1   1 
HETATM 349 O  OP2   . S6G B 1 6  ? 3.603   4.828   -0.963  1.00 45.26 ? 6   S6G B OP2   1 
HETATM 350 O  "O5'" . S6G B 1 6  ? 1.608   5.655   -2.407  1.00 38.62 ? 6   S6G B "O5'" 1 
HETATM 351 C  "C5'" . S6G B 1 6  ? 1.142   6.510   -3.306  1.00 37.30 ? 6   S6G B "C5'" 1 
HETATM 352 C  "C4'" . S6G B 1 6  ? -0.069  7.241   -2.675  1.00 36.91 ? 6   S6G B "C4'" 1 
HETATM 353 O  "O4'" . S6G B 1 6  ? -1.037  6.299   -2.191  1.00 35.42 ? 6   S6G B "O4'" 1 
HETATM 354 C  "C3'" . S6G B 1 6  ? 0.289   8.123   -1.444  1.00 40.07 ? 6   S6G B "C3'" 1 
HETATM 355 O  "O3'" . S6G B 1 6  ? -0.776  9.003   -1.293  1.00 37.43 ? 6   S6G B "O3'" 1 
HETATM 356 C  "C2'" . S6G B 1 6  ? 0.252   7.090   -0.334  1.00 38.26 ? 6   S6G B "C2'" 1 
HETATM 357 C  "C1'" . S6G B 1 6  ? -1.009  6.315   -0.757  1.00 39.34 ? 6   S6G B "C1'" 1 
HETATM 358 N  N9    . S6G B 1 6  ? -0.981  4.900   -0.324  1.00 35.26 ? 6   S6G B N9    1 
HETATM 359 C  C8    . S6G B 1 6  ? 0.116   4.046   -0.268  1.00 35.89 ? 6   S6G B C8    1 
HETATM 360 N  N7    . S6G B 1 6  ? -0.202  2.840   0.180   1.00 38.26 ? 6   S6G B N7    1 
HETATM 361 C  C5    . S6G B 1 6  ? -1.567  2.900   0.425   1.00 33.58 ? 6   S6G B C5    1 
HETATM 362 C  C6    . S6G B 1 6  ? -2.389  1.879   0.902   1.00 36.58 ? 6   S6G B C6    1 
HETATM 363 S  S6    . S6G B 1 6  ? -1.989  0.351   1.259   1.00 40.46 ? 6   S6G B S6    1 
HETATM 364 N  N1    . S6G B 1 6  ? -3.699  2.293   1.043   1.00 31.52 ? 6   S6G B N1    1 
HETATM 365 C  C2    . S6G B 1 6  ? -4.114  3.604   0.724   1.00 35.71 ? 6   S6G B C2    1 
HETATM 366 N  N2    . S6G B 1 6  ? -5.466  3.921   0.882   1.00 33.03 ? 6   S6G B N2    1 
HETATM 367 N  N3    . S6G B 1 6  ? -3.342  4.596   0.267   1.00 34.08 ? 6   S6G B N3    1 
HETATM 368 C  C4    . S6G B 1 6  ? -2.054  4.181   0.121   1.00 31.69 ? 6   S6G B C4    1 
HETATM 369 P  P     . S6G B 1 7  ? -1.094  10.108  -2.416  1.00 43.55 ? 7   S6G B P     1 
HETATM 370 O  OP1   . S6G B 1 7  ? 0.032   10.378  -3.363  1.00 43.75 ? 7   S6G B OP1   1 
HETATM 371 O  OP2   . S6G B 1 7  ? -1.923  11.268  -1.904  1.00 41.55 ? 7   S6G B OP2   1 
HETATM 372 O  "O5'" . S6G B 1 7  ? -2.211  9.351   -3.521  1.00 42.59 ? 7   S6G B "O5'" 1 
HETATM 373 C  "C5'" . S6G B 1 7  ? -3.003  10.150  -4.214  1.00 42.36 ? 7   S6G B "C5'" 1 
HETATM 374 C  "C4'" . S6G B 1 7  ? -4.392  9.461   -4.233  1.00 42.69 ? 7   S6G B "C4'" 1 
HETATM 375 O  "O4'" . S6G B 1 7  ? -4.273  8.234   -4.976  1.00 40.65 ? 7   S6G B "O4'" 1 
HETATM 376 C  "C3'" . S6G B 1 7  ? -4.942  9.089   -2.827  1.00 32.42 ? 7   S6G B "C3'" 1 
HETATM 377 O  "O3'" . S6G B 1 7  ? -6.269  9.207   -2.919  1.00 37.25 ? 7   S6G B "O3'" 1 
HETATM 378 C  "C2'" . S6G B 1 7  ? -4.601  7.595   -2.721  1.00 34.86 ? 7   S6G B "C2'" 1 
HETATM 379 C  "C1'" . S6G B 1 7  ? -4.648  7.139   -4.191  1.00 37.80 ? 7   S6G B "C1'" 1 
HETATM 380 N  N9    . S6G B 1 7  ? -3.625  6.066   -4.418  1.00 37.22 ? 7   S6G B N9    1 
HETATM 381 C  C8    . S6G B 1 7  ? -2.431  6.166   -5.150  1.00 37.31 ? 7   S6G B C8    1 
HETATM 382 N  N7    . S6G B 1 7  ? -1.714  5.052   -5.142  1.00 37.57 ? 7   S6G B N7    1 
HETATM 383 C  C5    . S6G B 1 7  ? -2.466  4.158   -4.382  1.00 40.17 ? 7   S6G B C5    1 
HETATM 384 C  C6    . S6G B 1 7  ? -2.149  2.813   -4.068  1.00 41.78 ? 7   S6G B C6    1 
HETATM 385 S  S6    . S6G B 1 7  ? -0.838  1.971   -4.519  1.00 41.97 ? 7   S6G B S6    1 
HETATM 386 N  N1    . S6G B 1 7  ? -3.139  2.205   -3.253  1.00 38.56 ? 7   S6G B N1    1 
HETATM 387 C  C2    . S6G B 1 7  ? -4.309  2.893   -2.822  1.00 41.84 ? 7   S6G B C2    1 
HETATM 388 N  N2    . S6G B 1 7  ? -5.231  2.200   -2.020  1.00 35.61 ? 7   S6G B N2    1 
HETATM 389 N  N3    . S6G B 1 7  ? -4.639  4.182   -3.118  1.00 37.57 ? 7   S6G B N3    1 
HETATM 390 C  C4    . S6G B 1 7  ? -3.666  4.786   -3.919  1.00 37.41 ? 7   S6G B C4    1 
HETATM 391 N  N1    . BRU B 1 8  ? -6.131  6.778   2.300   1.00 35.18 ? 8   BRU B N1    1 
HETATM 392 C  C2    . BRU B 1 8  ? -5.416  5.876   3.175   1.00 34.92 ? 8   BRU B C2    1 
HETATM 393 N  N3    . BRU B 1 8  ? -4.027  6.090   3.278   1.00 31.85 ? 8   BRU B N3    1 
HETATM 394 C  C4    . BRU B 1 8  ? -3.323  7.074   2.586   1.00 34.86 ? 8   BRU B C4    1 
HETATM 395 C  C5    . BRU B 1 8  ? -4.143  7.908   1.746   1.00 40.60 ? 8   BRU B C5    1 
HETATM 396 C  C6    . BRU B 1 8  ? -5.478  7.758   1.609   1.00 34.67 ? 8   BRU B C6    1 
HETATM 397 O  O2    . BRU B 1 8  ? -5.920  4.981   3.824   1.00 31.22 ? 8   BRU B O2    1 
HETATM 398 O  O4    . BRU B 1 8  ? -2.109  7.159   2.759   1.00 35.13 ? 8   BRU B O4    1 
HETATM 399 BR BR    . BRU B 1 8  ? -3.267  9.298   0.793   1.00 55.04 ? 8   BRU B BR    1 
HETATM 400 C  "C1'" . BRU B 1 8  ? -7.590  6.566   2.090   1.00 39.79 ? 8   BRU B "C1'" 1 
HETATM 401 C  "C2'" . BRU B 1 8  ? -8.429  7.843   2.257   1.00 37.20 ? 8   BRU B "C2'" 1 
HETATM 402 C  "C3'" . BRU B 1 8  ? -9.560  7.592   1.241   1.00 39.80 ? 8   BRU B "C3'" 1 
HETATM 403 C  "C4'" . BRU B 1 8  ? -8.882  6.818   0.107   1.00 39.96 ? 8   BRU B "C4'" 1 
HETATM 404 O  "O3'" . BRU B 1 8  ? -10.483 6.718   1.737   1.00 42.92 ? 8   BRU B "O3'" 1 
HETATM 405 O  "O4'" . BRU B 1 8  ? -7.730  6.172   0.726   1.00 40.82 ? 8   BRU B "O4'" 1 
HETATM 406 C  "C5'" . BRU B 1 8  ? -8.471  7.765   -1.025  1.00 35.07 ? 8   BRU B "C5'" 1 
HETATM 407 O  "O5'" . BRU B 1 8  ? -7.451  8.504   -0.611  1.00 43.27 ? 8   BRU B "O5'" 1 
HETATM 408 P  P     . BRU B 1 8  ? -7.132  9.852   -1.741  1.00 43.62 ? 8   BRU B P     1 
HETATM 409 O  OP1   . BRU B 1 8  ? -8.547  10.077  -2.228  1.00 39.45 ? 8   BRU B OP1   1 
HETATM 410 O  OP2   . BRU B 1 8  ? -6.366  10.905  -0.982  1.00 39.72 ? 8   BRU B OP2   1 
ATOM   411 P  P     . DC  B 1 9  ? -11.710 7.254   2.603   1.00 44.45 ? 9   DC  B P     1 
ATOM   412 O  OP1   . DC  B 1 9  ? -12.906 6.424   2.334   1.00 38.55 ? 9   DC  B OP1   1 
ATOM   413 O  OP2   . DC  B 1 9  ? -11.772 8.712   2.383   1.00 49.87 ? 9   DC  B OP2   1 
ATOM   414 O  "O5'" . DC  B 1 9  ? -11.231 6.962   4.103   1.00 42.94 ? 9   DC  B "O5'" 1 
ATOM   415 C  "C5'" . DC  B 1 9  ? -11.160 5.616   4.565   1.00 41.85 ? 9   DC  B "C5'" 1 
ATOM   416 C  "C4'" . DC  B 1 9  ? -10.481 5.529   5.929   1.00 36.12 ? 9   DC  B "C4'" 1 
ATOM   417 O  "O4'" . DC  B 1 9  ? -9.061  5.790   5.800   1.00 36.06 ? 9   DC  B "O4'" 1 
ATOM   418 C  "C3'" . DC  B 1 9  ? -10.978 6.520   6.973   1.00 36.76 ? 9   DC  B "C3'" 1 
ATOM   419 O  "O3'" . DC  B 1 9  ? -10.996 5.886   8.232   1.00 42.36 ? 9   DC  B "O3'" 1 
ATOM   420 C  "C2'" . DC  B 1 9  ? -9.903  7.606   6.934   1.00 38.42 ? 9   DC  B "C2'" 1 
ATOM   421 C  "C1'" . DC  B 1 9  ? -8.676  6.750   6.762   1.00 34.84 ? 9   DC  B "C1'" 1 
ATOM   422 N  N1    . DC  B 1 9  ? -7.462  7.460   6.251   1.00 36.29 ? 9   DC  B N1    1 
ATOM   423 C  C2    . DC  B 1 9  ? -6.177  6.917   6.508   1.00 36.20 ? 9   DC  B C2    1 
ATOM   424 O  O2    . DC  B 1 9  ? -6.068  5.888   7.197   1.00 37.93 ? 9   DC  B O2    1 
ATOM   425 N  N3    . DC  B 1 9  ? -5.085  7.550   6.016   1.00 35.82 ? 9   DC  B N3    1 
ATOM   426 C  C4    . DC  B 1 9  ? -5.226  8.655   5.292   1.00 36.17 ? 9   DC  B C4    1 
ATOM   427 N  N4    . DC  B 1 9  ? -4.114  9.236   4.837   1.00 41.91 ? 9   DC  B N4    1 
ATOM   428 C  C5    . DC  B 1 9  ? -6.513  9.222   5.010   1.00 32.99 ? 9   DC  B C5    1 
ATOM   429 C  C6    . DC  B 1 9  ? -7.596  8.593   5.504   1.00 34.56 ? 9   DC  B C6    1 
ATOM   430 P  P     . DG  B 1 10 ? -12.387 5.638   8.985   1.00 47.05 ? 10  DG  B P     1 
ATOM   431 O  OP1   . DG  B 1 10 ? -13.330 5.089   7.992   1.00 52.82 ? 10  DG  B OP1   1 
ATOM   432 O  OP2   . DG  B 1 10 ? -12.727 6.887   9.698   1.00 51.85 ? 10  DG  B OP2   1 
ATOM   433 O  "O5'" . DG  B 1 10 ? -12.047 4.505   10.041  1.00 44.18 ? 10  DG  B "O5'" 1 
ATOM   434 C  "C5'" . DG  B 1 10 ? -11.536 3.279   9.598   1.00 50.44 ? 10  DG  B "C5'" 1 
ATOM   435 C  "C4'" . DG  B 1 10 ? -10.581 2.686   10.615  1.00 42.84 ? 10  DG  B "C4'" 1 
ATOM   436 O  "O4'" . DG  B 1 10 ? -9.262  3.271   10.478  1.00 47.75 ? 10  DG  B "O4'" 1 
ATOM   437 C  "C3'" . DG  B 1 10 ? -10.954 2.890   12.070  1.00 46.08 ? 10  DG  B "C3'" 1 
ATOM   438 O  "O3'" . DG  B 1 10 ? -10.441 1.793   12.800  1.00 47.63 ? 10  DG  B "O3'" 1 
ATOM   439 C  "C2'" . DG  B 1 10 ? -10.235 4.198   12.420  1.00 44.45 ? 10  DG  B "C2'" 1 
ATOM   440 C  "C1'" . DG  B 1 10 ? -8.945  4.062   11.628  1.00 44.35 ? 10  DG  B "C1'" 1 
ATOM   441 N  N9    . DG  B 1 10 ? -8.412  5.314   11.109  1.00 42.21 ? 10  DG  B N9    1 
ATOM   442 C  C8    . DG  B 1 10 ? -9.128  6.373   10.622  1.00 35.31 ? 10  DG  B C8    1 
ATOM   443 N  N7    . DG  B 1 10 ? -8.384  7.327   10.140  1.00 34.78 ? 10  DG  B N7    1 
ATOM   444 C  C5    . DG  B 1 10 ? -7.088  6.856   10.290  1.00 36.83 ? 10  DG  B C5    1 
ATOM   445 C  C6    . DG  B 1 10 ? -5.863  7.453   9.933   1.00 39.37 ? 10  DG  B C6    1 
ATOM   446 O  O6    . DG  B 1 10 ? -5.678  8.558   9.413   1.00 46.30 ? 10  DG  B O6    1 
ATOM   447 N  N1    . DG  B 1 10 ? -4.778  6.639   10.241  1.00 41.60 ? 10  DG  B N1    1 
ATOM   448 C  C2    . DG  B 1 10 ? -4.870  5.395   10.822  1.00 43.07 ? 10  DG  B C2    1 
ATOM   449 N  N2    . DG  B 1 10 ? -3.706  4.768   11.069  1.00 42.18 ? 10  DG  B N2    1 
ATOM   450 N  N3    . DG  B 1 10 ? -6.024  4.821   11.162  1.00 42.10 ? 10  DG  B N3    1 
ATOM   451 C  C4    . DG  B 1 10 ? -7.087  5.611   10.864  1.00 38.24 ? 10  DG  B C4    1 
ATOM   452 P  P     . DC  B 1 11 ? -10.626 1.704   14.389  1.00 49.84 ? 11  DC  B P     1 
ATOM   453 O  OP1   . DC  B 1 11 ? -10.646 0.263   14.757  1.00 43.79 ? 11  DC  B OP1   1 
ATOM   454 O  OP2   . DC  B 1 11 ? -11.713 2.648   14.737  1.00 49.89 ? 11  DC  B OP2   1 
ATOM   455 O  "O5'" . DC  B 1 11 ? -9.235  2.243   14.929  1.00 47.12 ? 11  DC  B "O5'" 1 
ATOM   456 C  "C5'" . DC  B 1 11 ? -8.049  1.709   14.384  1.00 45.46 ? 11  DC  B "C5'" 1 
ATOM   457 C  "C4'" . DC  B 1 11 ? -6.857  2.292   15.084  1.00 50.20 ? 11  DC  B "C4'" 1 
ATOM   458 O  "O4'" . DC  B 1 11 ? -6.434  3.489   14.386  1.00 52.85 ? 11  DC  B "O4'" 1 
ATOM   459 C  "C3'" . DC  B 1 11 ? -7.151  2.711   16.514  1.00 53.89 ? 11  DC  B "C3'" 1 
ATOM   460 O  "O3'" . DC  B 1 11 ? -6.094  2.357   17.331  1.00 60.92 ? 11  DC  B "O3'" 1 
ATOM   461 C  "C2'" . DC  B 1 11 ? -7.306  4.223   16.418  1.00 52.59 ? 11  DC  B "C2'" 1 
ATOM   462 C  "C1'" . DC  B 1 11 ? -6.344  4.560   15.291  1.00 49.94 ? 11  DC  B "C1'" 1 
ATOM   463 N  N1    . DC  B 1 11 ? -6.715  5.815   14.580  1.00 45.50 ? 11  DC  B N1    1 
ATOM   464 C  C2    . DC  B 1 11 ? -5.718  6.622   14.021  1.00 44.96 ? 11  DC  B C2    1 
ATOM   465 O  O2    . DC  B 1 11 ? -4.526  6.269   14.126  1.00 42.42 ? 11  DC  B O2    1 
ATOM   466 N  N3    . DC  B 1 11 ? -6.087  7.771   13.384  1.00 42.42 ? 11  DC  B N3    1 
ATOM   467 C  C4    . DC  B 1 11 ? -7.389  8.123   13.323  1.00 44.96 ? 11  DC  B C4    1 
ATOM   468 N  N4    . DC  B 1 11 ? -7.716  9.263   12.693  1.00 40.72 ? 11  DC  B N4    1 
ATOM   469 C  C5    . DC  B 1 11 ? -8.411  7.311   13.894  1.00 45.21 ? 11  DC  B C5    1 
ATOM   470 C  C6    . DC  B 1 11 ? -8.032  6.182   14.512  1.00 46.78 ? 11  DC  B C6    1 
ATOM   471 P  P     . DG  B 1 12 ? -6.374  1.521   18.671  1.00 69.08 ? 12  DG  B P     1 
ATOM   472 O  OP1   . DG  B 1 12 ? -6.330  0.081   18.288  1.00 62.29 ? 12  DG  B OP1   1 
ATOM   473 O  OP2   . DG  B 1 12 ? -7.595  2.081   19.316  1.00 58.70 ? 12  DG  B OP2   1 
ATOM   474 O  "O5'" . DG  B 1 12 ? -5.077  1.846   19.542  1.00 58.44 ? 12  DG  B "O5'" 1 
ATOM   475 C  "C5'" . DG  B 1 12 ? -3.779  1.647   18.951  1.00 60.01 ? 12  DG  B "C5'" 1 
ATOM   476 C  "C4'" . DG  B 1 12 ? -2.824  2.773   19.321  1.00 61.29 ? 12  DG  B "C4'" 1 
ATOM   477 O  "O4'" . DG  B 1 12 ? -3.128  3.954   18.529  1.00 62.67 ? 12  DG  B "O4'" 1 
ATOM   478 C  "C3'" . DG  B 1 12 ? -2.882  3.218   20.783  1.00 54.85 ? 12  DG  B "C3'" 1 
ATOM   479 O  "O3'" . DG  B 1 12 ? -1.575  3.540   21.243  1.00 65.52 ? 12  DG  B "O3'" 1 
ATOM   480 C  "C2'" . DG  B 1 12 ? -3.764  4.453   20.728  1.00 53.77 ? 12  DG  B "C2'" 1 
ATOM   481 C  "C1'" . DG  B 1 12 ? -3.356  5.050   19.389  1.00 52.76 ? 12  DG  B "C1'" 1 
ATOM   482 N  N9    . DG  B 1 12 ? -4.390  5.881   18.798  1.00 45.95 ? 12  DG  B N9    1 
ATOM   483 C  C8    . DG  B 1 12 ? -5.743  5.738   18.945  1.00 47.00 ? 12  DG  B C8    1 
ATOM   484 N  N7    . DG  B 1 12 ? -6.430  6.634   18.299  1.00 46.58 ? 12  DG  B N7    1 
ATOM   485 C  C5    . DG  B 1 12 ? -5.460  7.417   17.688  1.00 44.14 ? 12  DG  B C5    1 
ATOM   486 C  C6    . DG  B 1 12 ? -5.598  8.540   16.852  1.00 44.23 ? 12  DG  B C6    1 
ATOM   487 O  O6    . DG  B 1 12 ? -6.649  9.084   16.459  1.00 42.09 ? 12  DG  B O6    1 
ATOM   488 N  N1    . DG  B 1 12 ? -4.359  9.035   16.460  1.00 38.07 ? 12  DG  B N1    1 
ATOM   489 C  C2    . DG  B 1 12 ? -3.152  8.502   16.817  1.00 36.60 ? 12  DG  B C2    1 
ATOM   490 N  N2    . DG  B 1 12 ? -2.062  9.107   16.327  1.00 36.12 ? 12  DG  B N2    1 
ATOM   491 N  N3    . DG  B 1 12 ? -3.015  7.447   17.592  1.00 43.09 ? 12  DG  B N3    1 
ATOM   492 C  C4    . DG  B 1 12 ? -4.205  6.963   17.992  1.00 41.36 ? 12  DG  B C4    1 
HETATM 493 O  O     . HOH C 2 .  ? -1.728  -0.427  -7.215  1.00 35.73 ? 101 HOH A O     1 
HETATM 494 O  O     . HOH D 2 .  ? 5.608   -13.785 -3.631  1.00 53.60 ? 101 HOH B O     1 
# 
